data_6EYN
#
_entry.id   6EYN
#
_cell.length_a   157.957
_cell.length_b   157.957
_cell.length_c   77.503
_cell.angle_alpha   90.00
_cell.angle_beta   90.00
_cell.angle_gamma   90.00
#
_symmetry.space_group_name_H-M   'P 43'
#
loop_
_entity.id
_entity.type
_entity.pdbx_description
1 polymer '8D6 Fab light chain'
2 polymer '8D6 Fab heavy chain'
3 non-polymer DI(HYDROXYETHYL)ETHER
4 non-polymer 1,2-ETHANEDIOL
5 non-polymer 'SULFATE ION'
6 water water
#
loop_
_entity_poly.entity_id
_entity_poly.type
_entity_poly.pdbx_seq_one_letter_code
_entity_poly.pdbx_strand_id
1 'polypeptide(L)'
;DIVLTQSPASLAVSLGQRATISCKASQSVDYDGDTYMNWYHQKPGQPPKLLIYAASNLDSGIPARFSGSGSGTDFTLNIH
PVEEEDAATYYCQQTNEDPWTFGGGTKLEIKRTVAAPSVFIFPPSDEQLKSGTASVVCLLNNFYPREAKVQWKVDNALQS
GNSQESVTEQDSKDSTYSLSSTLTLSKADYEKHKVYACEVTHQGLSSPVTKSFNRGEC
;
L,A,C
2 'polypeptide(L)'
;QVQLQQSGAELAKPGASVMLSCKASGYTFNGYWMHWVKQRPGQDLEWIGYINPTTGHTEYNQKFKDKATLTADESSNTAY
IELSSLTSDDSAVYYCARQEYRHSWFAYWGQGTLVTVSAASTKGPSVFPLAPSSKSTSGGTAALGCLVKDYFPEPVTVSW
NSGALTSGVHTFPAVLQSSGLYSLSSVVTVPSSSLGTQTYICNVNHKPSNTKVDKKAEPKSCDKTHT
;
H,B,D
#
# COMPACT_ATOMS: atom_id res chain seq x y z
N ASP A 1 -11.92 -29.03 -2.14
CA ASP A 1 -11.76 -27.67 -1.64
C ASP A 1 -12.20 -26.65 -2.70
N ILE A 2 -13.08 -25.74 -2.32
CA ILE A 2 -13.56 -24.72 -3.24
C ILE A 2 -12.50 -23.64 -3.39
N VAL A 3 -11.99 -23.47 -4.60
CA VAL A 3 -10.89 -22.54 -4.88
C VAL A 3 -11.48 -21.22 -5.37
N LEU A 4 -11.06 -20.12 -4.74
CA LEU A 4 -11.52 -18.79 -5.07
C LEU A 4 -10.41 -18.04 -5.81
N THR A 5 -10.73 -17.50 -6.98
CA THR A 5 -9.78 -16.75 -7.79
C THR A 5 -10.20 -15.28 -7.84
N GLN A 6 -9.36 -14.41 -7.29
CA GLN A 6 -9.64 -12.98 -7.26
C GLN A 6 -8.98 -12.28 -8.44
N SER A 7 -9.66 -11.26 -8.93
CA SER A 7 -9.14 -10.45 -10.02
C SER A 7 -9.58 -9.00 -9.83
N PRO A 8 -8.67 -8.04 -10.06
CA PRO A 8 -7.26 -8.29 -10.36
C PRO A 8 -6.45 -8.43 -9.08
N ALA A 9 -5.18 -8.83 -9.19
CA ALA A 9 -4.33 -8.92 -8.01
C ALA A 9 -4.10 -7.55 -7.40
N SER A 10 -4.07 -6.50 -8.22
CA SER A 10 -3.92 -5.14 -7.73
C SER A 10 -4.57 -4.20 -8.73
N LEU A 11 -5.00 -3.04 -8.23
CA LEU A 11 -5.53 -2.02 -9.12
C LEU A 11 -5.43 -0.66 -8.43
N ALA A 12 -5.31 0.37 -9.25
CA ALA A 12 -5.27 1.75 -8.81
C ALA A 12 -6.54 2.44 -9.30
N VAL A 13 -7.22 3.12 -8.39
CA VAL A 13 -8.49 3.76 -8.70
C VAL A 13 -8.41 5.23 -8.32
N SER A 14 -8.91 6.10 -9.20
CA SER A 14 -8.92 7.53 -8.93
C SER A 14 -9.87 7.86 -7.80
N LEU A 15 -9.48 8.85 -6.99
CA LEU A 15 -10.32 9.34 -5.92
C LEU A 15 -11.70 9.73 -6.46
N GLY A 16 -12.75 9.26 -5.78
CA GLY A 16 -14.10 9.55 -6.20
C GLY A 16 -14.67 8.61 -7.24
N GLN A 17 -13.90 7.67 -7.73
CA GLN A 17 -14.34 6.79 -8.81
C GLN A 17 -14.56 5.37 -8.27
N ARG A 18 -14.85 4.45 -9.17
CA ARG A 18 -15.36 3.13 -8.81
C ARG A 18 -14.26 2.09 -8.88
N ALA A 19 -14.18 1.25 -7.86
CA ALA A 19 -13.29 0.09 -7.83
C ALA A 19 -14.15 -1.16 -7.91
N THR A 20 -13.76 -2.10 -8.78
CA THR A 20 -14.52 -3.32 -9.01
C THR A 20 -13.57 -4.50 -8.87
N ILE A 21 -13.85 -5.36 -7.89
CA ILE A 21 -13.01 -6.51 -7.58
C ILE A 21 -13.86 -7.76 -7.76
N SER A 22 -13.30 -8.75 -8.46
CA SER A 22 -14.02 -9.97 -8.81
C SER A 22 -13.50 -11.16 -8.01
N CYS A 23 -14.41 -12.09 -7.74
CA CYS A 23 -14.09 -13.36 -7.10
C CYS A 23 -14.86 -14.44 -7.83
N LYS A 24 -14.15 -15.42 -8.38
CA LYS A 24 -14.76 -16.56 -9.07
C LYS A 24 -14.48 -17.82 -8.27
N ALA A 25 -15.53 -18.59 -8.02
CA ALA A 25 -15.42 -19.82 -7.26
C ALA A 25 -15.39 -21.02 -8.21
N SER A 26 -14.60 -22.03 -7.86
CA SER A 26 -14.53 -23.24 -8.69
C SER A 26 -15.79 -24.07 -8.59
N GLN A 27 -16.64 -23.82 -7.59
CA GLN A 27 -17.93 -24.48 -7.45
C GLN A 27 -18.94 -23.45 -6.96
N SER A 28 -20.21 -23.83 -7.01
CA SER A 28 -21.27 -22.98 -6.47
C SER A 28 -21.13 -22.87 -4.96
N VAL A 29 -21.24 -21.65 -4.43
CA VAL A 29 -21.27 -21.44 -3.00
C VAL A 29 -22.71 -21.16 -2.53
N ASP A 30 -23.70 -21.45 -3.37
CA ASP A 30 -25.10 -21.32 -3.01
C ASP A 30 -25.60 -22.58 -2.30
N TYR A 31 -26.52 -22.38 -1.36
CA TYR A 31 -27.14 -23.49 -0.66
C TYR A 31 -28.52 -23.07 -0.17
N ASP A 32 -29.56 -23.72 -0.68
CA ASP A 32 -30.93 -23.55 -0.19
C ASP A 32 -31.37 -22.08 -0.24
N GLY A 33 -31.03 -21.40 -1.32
CA GLY A 33 -31.39 -20.01 -1.50
C GLY A 33 -30.44 -19.01 -0.89
N ASP A 34 -29.50 -19.45 -0.06
CA ASP A 34 -28.51 -18.56 0.55
C ASP A 34 -27.17 -18.73 -0.15
N THR A 35 -26.39 -17.65 -0.14
CA THR A 35 -25.06 -17.63 -0.73
C THR A 35 -24.03 -17.40 0.36
N TYR A 36 -23.00 -18.23 0.40
CA TYR A 36 -22.04 -18.25 1.50
C TYR A 36 -20.72 -17.63 1.02
N MET A 37 -20.75 -16.33 0.80
CA MET A 37 -19.61 -15.58 0.27
C MET A 37 -19.46 -14.29 1.05
N ASN A 38 -18.26 -14.02 1.53
CA ASN A 38 -17.99 -12.82 2.30
C ASN A 38 -16.83 -12.06 1.67
N TRP A 39 -16.79 -10.76 1.93
CA TRP A 39 -15.66 -9.91 1.58
C TRP A 39 -15.10 -9.27 2.84
N TYR A 40 -13.78 -9.23 2.93
CA TYR A 40 -13.08 -8.58 4.01
C TYR A 40 -12.06 -7.62 3.41
N HIS A 41 -11.59 -6.67 4.22
CA HIS A 41 -10.42 -5.92 3.83
C HIS A 41 -9.48 -5.83 5.02
N GLN A 42 -8.22 -5.59 4.72
CA GLN A 42 -7.18 -5.59 5.73
C GLN A 42 -6.29 -4.40 5.48
N LYS A 43 -6.09 -3.61 6.48
CA LYS A 43 -5.15 -2.51 6.45
C LYS A 43 -3.87 -2.91 7.17
N PRO A 44 -2.74 -2.28 6.82
CA PRO A 44 -1.45 -2.75 7.33
C PRO A 44 -1.41 -2.78 8.86
N GLY A 45 -0.95 -3.92 9.40
CA GLY A 45 -0.81 -4.12 10.82
C GLY A 45 -2.06 -4.52 11.57
N GLN A 46 -3.19 -4.62 10.88
CA GLN A 46 -4.48 -4.85 11.51
C GLN A 46 -5.07 -6.18 11.05
N PRO A 47 -5.96 -6.78 11.83
CA PRO A 47 -6.66 -7.97 11.36
C PRO A 47 -7.64 -7.60 10.27
N PRO A 48 -8.03 -8.56 9.43
CA PRO A 48 -9.08 -8.30 8.44
C PRO A 48 -10.38 -7.88 9.11
N LYS A 49 -11.19 -7.13 8.37
CA LYS A 49 -12.47 -6.62 8.86
C LYS A 49 -13.53 -6.98 7.84
N LEU A 50 -14.66 -7.51 8.33
CA LEU A 50 -15.76 -7.87 7.45
C LEU A 50 -16.40 -6.63 6.82
N LEU A 51 -16.59 -6.68 5.51
CA LEU A 51 -17.31 -5.64 4.77
C LEU A 51 -18.70 -6.11 4.36
N ILE A 52 -18.76 -7.24 3.66
CA ILE A 52 -19.99 -7.77 3.07
C ILE A 52 -20.10 -9.22 3.49
N TYR A 53 -21.27 -9.63 3.95
CA TYR A 53 -21.52 -11.03 4.27
C TYR A 53 -22.68 -11.55 3.42
N ALA A 54 -22.62 -12.84 3.11
CA ALA A 54 -23.63 -13.51 2.27
C ALA A 54 -23.81 -12.76 0.95
N ALA A 55 -22.68 -12.46 0.30
CA ALA A 55 -22.61 -11.96 -1.07
C ALA A 55 -22.98 -10.49 -1.21
N SER A 56 -24.05 -10.05 -0.53
CA SER A 56 -24.60 -8.73 -0.83
C SER A 56 -25.08 -7.95 0.39
N ASN A 57 -24.75 -8.37 1.61
CA ASN A 57 -25.24 -7.72 2.81
C ASN A 57 -24.14 -6.89 3.45
N LEU A 58 -24.38 -5.59 3.56
CA LEU A 58 -23.46 -4.67 4.23
C LEU A 58 -23.48 -4.92 5.73
N ASP A 59 -22.30 -4.94 6.33
CA ASP A 59 -22.21 -5.13 7.78
C ASP A 59 -22.30 -3.79 8.51
N SER A 60 -22.76 -3.85 9.76
CA SER A 60 -22.84 -2.66 10.59
C SER A 60 -21.48 -1.98 10.70
N GLY A 61 -21.48 -0.64 10.70
CA GLY A 61 -20.27 0.12 10.81
C GLY A 61 -19.48 0.28 9.54
N ILE A 62 -19.96 -0.26 8.43
CA ILE A 62 -19.28 -0.18 7.14
C ILE A 62 -20.01 0.85 6.28
N PRO A 63 -19.31 1.79 5.65
CA PRO A 63 -20.00 2.79 4.81
C PRO A 63 -20.66 2.13 3.61
N ALA A 64 -21.77 2.72 3.17
CA ALA A 64 -22.53 2.15 2.07
C ALA A 64 -21.86 2.33 0.71
N ARG A 65 -20.65 2.87 0.67
CA ARG A 65 -19.89 2.89 -0.57
CA ARG A 65 -19.88 2.89 -0.57
C ARG A 65 -19.49 1.48 -1.02
N PHE A 66 -19.46 0.53 -0.08
CA PHE A 66 -19.15 -0.86 -0.37
C PHE A 66 -20.43 -1.63 -0.66
N SER A 67 -20.44 -2.37 -1.75
CA SER A 67 -21.59 -3.21 -2.07
C SER A 67 -21.09 -4.47 -2.76
N GLY A 68 -21.83 -5.56 -2.57
CA GLY A 68 -21.48 -6.82 -3.17
C GLY A 68 -22.64 -7.39 -3.96
N SER A 69 -22.30 -8.20 -4.96
CA SER A 69 -23.30 -8.78 -5.85
C SER A 69 -22.79 -10.10 -6.39
N GLY A 70 -23.67 -10.81 -7.08
CA GLY A 70 -23.34 -12.07 -7.71
C GLY A 70 -23.96 -13.25 -6.97
N SER A 71 -23.87 -14.40 -7.63
CA SER A 71 -24.38 -15.64 -7.06
C SER A 71 -23.71 -16.80 -7.76
N GLY A 72 -23.88 -17.99 -7.20
CA GLY A 72 -23.31 -19.20 -7.77
C GLY A 72 -21.81 -19.25 -7.69
N THR A 73 -21.13 -18.83 -8.76
CA THR A 73 -19.67 -18.84 -8.81
C THR A 73 -19.04 -17.49 -9.07
N ASP A 74 -19.78 -16.50 -9.57
CA ASP A 74 -19.23 -15.20 -9.92
C ASP A 74 -19.69 -14.15 -8.91
N PHE A 75 -18.75 -13.40 -8.36
CA PHE A 75 -19.04 -12.42 -7.33
C PHE A 75 -18.23 -11.16 -7.55
N THR A 76 -18.79 -10.04 -7.14
CA THR A 76 -18.19 -8.73 -7.37
C THR A 76 -18.34 -7.88 -6.11
N LEU A 77 -17.25 -7.23 -5.72
CA LEU A 77 -17.26 -6.18 -4.71
C LEU A 77 -17.08 -4.85 -5.42
N ASN A 78 -17.99 -3.92 -5.15
CA ASN A 78 -17.94 -2.58 -5.72
C ASN A 78 -17.67 -1.57 -4.64
N ILE A 79 -16.72 -0.67 -4.89
CA ILE A 79 -16.45 0.47 -4.02
C ILE A 79 -16.69 1.72 -4.85
N HIS A 80 -17.71 2.47 -4.51
CA HIS A 80 -18.00 3.71 -5.23
C HIS A 80 -18.76 4.69 -4.35
N PRO A 81 -18.20 5.89 -4.18
CA PRO A 81 -16.88 6.31 -4.70
C PRO A 81 -15.74 5.95 -3.75
N VAL A 82 -14.54 5.71 -4.27
CA VAL A 82 -13.44 5.33 -3.39
C VAL A 82 -12.91 6.58 -2.69
N GLU A 83 -12.44 6.39 -1.47
CA GLU A 83 -11.85 7.43 -0.67
C GLU A 83 -10.43 7.02 -0.27
N GLU A 84 -9.67 7.99 0.23
CA GLU A 84 -8.30 7.72 0.64
C GLU A 84 -8.21 6.55 1.61
N GLU A 85 -9.16 6.46 2.55
CA GLU A 85 -9.11 5.42 3.57
C GLU A 85 -9.34 4.02 3.03
N ASP A 86 -9.73 3.88 1.76
CA ASP A 86 -9.99 2.56 1.18
C ASP A 86 -8.74 1.86 0.69
N ALA A 87 -7.56 2.49 0.79
CA ALA A 87 -6.31 1.79 0.54
C ALA A 87 -6.18 0.63 1.51
N ALA A 88 -6.08 -0.57 0.97
CA ALA A 88 -6.18 -1.80 1.74
C ALA A 88 -6.07 -2.97 0.77
N THR A 89 -6.01 -4.18 1.33
CA THR A 89 -6.11 -5.41 0.58
C THR A 89 -7.45 -6.05 0.88
N TYR A 90 -8.12 -6.53 -0.17
CA TYR A 90 -9.46 -7.07 -0.09
C TYR A 90 -9.47 -8.57 -0.37
N TYR A 91 -10.22 -9.31 0.43
CA TYR A 91 -10.24 -10.77 0.36
C TYR A 91 -11.68 -11.25 0.29
N CYS A 92 -11.95 -12.16 -0.64
CA CYS A 92 -13.20 -12.90 -0.59
C CYS A 92 -13.00 -14.20 0.18
N GLN A 93 -14.11 -14.74 0.68
CA GLN A 93 -14.10 -15.96 1.46
C GLN A 93 -15.40 -16.71 1.21
N GLN A 94 -15.30 -18.03 1.07
CA GLN A 94 -16.48 -18.88 0.97
C GLN A 94 -16.60 -19.70 2.24
N THR A 95 -17.81 -19.77 2.77
CA THR A 95 -18.10 -20.51 4.00
C THR A 95 -19.13 -21.60 3.73
N ASN A 96 -19.20 -22.05 2.48
CA ASN A 96 -20.22 -23.01 2.06
C ASN A 96 -19.82 -24.45 2.34
N GLU A 97 -18.54 -24.77 2.26
CA GLU A 97 -18.07 -26.13 2.45
C GLU A 97 -16.72 -26.12 3.13
N ASP A 98 -16.50 -27.07 4.03
CA ASP A 98 -15.19 -27.26 4.63
C ASP A 98 -14.23 -27.84 3.60
N PRO A 99 -13.00 -27.35 3.58
CA PRO A 99 -12.49 -26.27 4.42
C PRO A 99 -12.87 -24.89 3.90
N TRP A 100 -13.07 -23.93 4.78
CA TRP A 100 -13.26 -22.55 4.34
C TRP A 100 -12.01 -22.09 3.60
N THR A 101 -12.19 -21.26 2.59
CA THR A 101 -11.08 -20.81 1.76
C THR A 101 -11.21 -19.32 1.47
N PHE A 102 -10.06 -18.70 1.23
CA PHE A 102 -9.94 -17.28 0.93
C PHE A 102 -9.44 -17.08 -0.50
N GLY A 103 -9.83 -15.96 -1.10
CA GLY A 103 -9.21 -15.55 -2.34
C GLY A 103 -7.79 -15.06 -2.13
N GLY A 104 -7.05 -14.96 -3.22
CA GLY A 104 -5.65 -14.54 -3.14
C GLY A 104 -5.46 -13.11 -2.67
N GLY A 105 -6.49 -12.29 -2.77
CA GLY A 105 -6.39 -10.92 -2.31
C GLY A 105 -6.24 -9.93 -3.44
N THR A 106 -6.76 -8.72 -3.23
CA THR A 106 -6.61 -7.61 -4.18
C THR A 106 -6.14 -6.38 -3.41
N LYS A 107 -5.00 -5.83 -3.81
CA LYS A 107 -4.45 -4.65 -3.17
C LYS A 107 -4.93 -3.40 -3.92
N LEU A 108 -5.64 -2.53 -3.22
CA LEU A 108 -6.21 -1.33 -3.80
C LEU A 108 -5.30 -0.15 -3.48
N GLU A 109 -4.86 0.55 -4.51
CA GLU A 109 -4.13 1.80 -4.39
C GLU A 109 -5.05 2.94 -4.79
N ILE A 110 -4.98 4.04 -4.05
CA ILE A 110 -5.78 5.23 -4.32
C ILE A 110 -4.90 6.24 -5.05
N LYS A 111 -5.33 6.67 -6.23
CA LYS A 111 -4.55 7.67 -6.96
C LYS A 111 -4.74 9.05 -6.35
N ARG A 112 -3.78 9.92 -6.64
CA ARG A 112 -3.80 11.32 -6.20
C ARG A 112 -2.89 12.11 -7.14
N THR A 113 -2.85 13.42 -6.95
CA THR A 113 -1.94 14.21 -7.77
C THR A 113 -0.49 13.91 -7.41
N VAL A 114 0.37 14.07 -8.42
CA VAL A 114 1.80 13.89 -8.24
C VAL A 114 2.30 14.79 -7.12
N ALA A 115 3.14 14.22 -6.25
CA ALA A 115 3.68 14.94 -5.10
C ALA A 115 5.15 14.59 -4.98
N ALA A 116 6.01 15.60 -5.13
CA ALA A 116 7.44 15.36 -5.05
C ALA A 116 7.85 15.05 -3.61
N PRO A 117 8.86 14.20 -3.41
CA PRO A 117 9.32 13.93 -2.05
C PRO A 117 10.12 15.09 -1.49
N SER A 118 9.98 15.32 -0.19
CA SER A 118 10.98 16.09 0.53
C SER A 118 12.07 15.13 1.00
N VAL A 119 13.32 15.56 0.86
CA VAL A 119 14.48 14.69 1.01
C VAL A 119 15.33 15.17 2.18
N PHE A 120 15.72 14.24 3.06
CA PHE A 120 16.58 14.52 4.20
C PHE A 120 17.65 13.44 4.26
N ILE A 121 18.86 13.82 4.65
CA ILE A 121 19.97 12.89 4.80
C ILE A 121 20.47 12.98 6.24
N PHE A 122 20.87 11.84 6.80
CA PHE A 122 21.29 11.76 8.19
C PHE A 122 22.66 11.10 8.25
N PRO A 123 23.68 11.78 8.75
CA PRO A 123 24.99 11.13 8.96
C PRO A 123 24.93 10.18 10.14
N PRO A 124 25.87 9.23 10.22
CA PRO A 124 25.88 8.33 11.38
C PRO A 124 26.17 9.08 12.67
N SER A 125 25.55 8.62 13.75
CA SER A 125 25.83 9.19 15.06
C SER A 125 27.22 8.80 15.53
N ASP A 126 27.80 9.67 16.36
CA ASP A 126 29.13 9.39 16.90
C ASP A 126 29.15 8.08 17.67
N GLU A 127 28.06 7.77 18.39
CA GLU A 127 28.09 6.58 19.23
C GLU A 127 27.98 5.31 18.42
N GLN A 128 27.30 5.33 17.27
CA GLN A 128 27.37 4.18 16.38
C GLN A 128 28.76 4.02 15.81
N LEU A 129 29.36 5.13 15.36
CA LEU A 129 30.69 5.10 14.76
C LEU A 129 31.70 4.45 15.69
N LYS A 130 31.63 4.77 16.99
CA LYS A 130 32.57 4.19 17.95
C LYS A 130 32.46 2.67 18.00
N SER A 131 31.26 2.14 17.80
CA SER A 131 31.04 0.70 17.78
C SER A 131 31.51 0.03 16.49
N GLY A 132 32.02 0.80 15.53
CA GLY A 132 32.65 0.24 14.35
C GLY A 132 31.77 0.12 13.11
N THR A 133 30.64 0.82 13.05
CA THR A 133 29.75 0.73 11.90
C THR A 133 29.20 2.12 11.61
N ALA A 134 28.93 2.37 10.34
CA ALA A 134 28.34 3.64 9.91
C ALA A 134 27.08 3.34 9.12
N SER A 135 25.95 3.85 9.60
CA SER A 135 24.68 3.83 8.88
C SER A 135 24.37 5.24 8.40
N VAL A 136 24.18 5.41 7.11
CA VAL A 136 23.78 6.68 6.52
C VAL A 136 22.35 6.52 6.02
N VAL A 137 21.47 7.45 6.39
CA VAL A 137 20.04 7.30 6.15
C VAL A 137 19.56 8.44 5.25
N CYS A 138 18.94 8.08 4.14
CA CYS A 138 18.27 9.00 3.24
C CYS A 138 16.76 8.80 3.41
N LEU A 139 16.02 9.91 3.60
CA LEU A 139 14.59 9.86 3.82
C LEU A 139 13.86 10.59 2.71
N LEU A 140 12.88 9.92 2.10
CA LEU A 140 11.96 10.52 1.13
C LEU A 140 10.58 10.55 1.76
N ASN A 141 10.06 11.76 2.00
CA ASN A 141 8.84 11.92 2.79
C ASN A 141 7.67 12.33 1.91
N ASN A 142 6.58 11.56 1.99
CA ASN A 142 5.26 11.98 1.51
C ASN A 142 5.24 12.27 0.01
N PHE A 143 5.52 11.24 -0.79
CA PHE A 143 5.53 11.40 -2.23
C PHE A 143 4.50 10.49 -2.89
N TYR A 144 4.19 10.80 -4.14
CA TYR A 144 3.33 9.99 -4.98
C TYR A 144 3.65 10.31 -6.45
N PRO A 145 3.73 9.28 -7.31
CA PRO A 145 3.54 7.84 -7.07
C PRO A 145 4.70 7.16 -6.35
N ARG A 146 4.57 5.85 -6.12
CA ARG A 146 5.51 5.13 -5.28
C ARG A 146 6.89 4.99 -5.92
N GLU A 147 6.96 4.94 -7.24
CA GLU A 147 8.21 4.70 -7.93
C GLU A 147 9.19 5.85 -7.72
N ALA A 148 10.38 5.54 -7.22
CA ALA A 148 11.40 6.53 -6.96
C ALA A 148 12.76 5.86 -7.06
N LYS A 149 13.74 6.59 -7.57
CA LYS A 149 15.10 6.10 -7.66
C LYS A 149 15.96 6.85 -6.64
N VAL A 150 16.60 6.11 -5.76
CA VAL A 150 17.47 6.67 -4.74
C VAL A 150 18.86 6.08 -4.95
N GLN A 151 19.80 6.92 -5.36
CA GLN A 151 21.17 6.49 -5.61
C GLN A 151 22.11 7.11 -4.59
N TRP A 152 23.02 6.29 -4.06
CA TRP A 152 24.04 6.77 -3.14
C TRP A 152 25.30 7.14 -3.92
N LYS A 153 25.71 8.39 -3.82
CA LYS A 153 26.94 8.87 -4.43
C LYS A 153 27.93 9.15 -3.32
N VAL A 154 29.11 8.55 -3.42
CA VAL A 154 30.14 8.66 -2.41
C VAL A 154 31.41 9.11 -3.13
N ASP A 155 31.83 10.36 -2.86
CA ASP A 155 32.83 11.04 -3.66
C ASP A 155 32.45 11.02 -5.15
N ASN A 156 31.16 11.24 -5.41
CA ASN A 156 30.54 11.32 -6.73
C ASN A 156 30.57 10.00 -7.48
N ALA A 157 30.84 8.88 -6.80
CA ALA A 157 30.82 7.57 -7.42
C ALA A 157 29.59 6.79 -6.95
N LEU A 158 28.94 6.12 -7.88
CA LEU A 158 27.71 5.39 -7.59
C LEU A 158 28.01 4.16 -6.74
N GLN A 159 27.26 4.00 -5.65
CA GLN A 159 27.37 2.84 -4.79
C GLN A 159 26.34 1.79 -5.20
N SER A 160 26.69 0.53 -4.98
CA SER A 160 25.83 -0.58 -5.35
C SER A 160 26.07 -1.74 -4.39
N GLY A 161 24.99 -2.36 -3.94
CA GLY A 161 25.07 -3.57 -3.15
C GLY A 161 25.33 -3.36 -1.68
N ASN A 162 25.18 -2.13 -1.17
CA ASN A 162 25.44 -1.84 0.23
C ASN A 162 24.38 -0.91 0.83
N SER A 163 23.23 -0.79 0.18
CA SER A 163 22.12 -0.02 0.73
C SER A 163 20.83 -0.86 0.67
N GLN A 164 19.92 -0.58 1.59
CA GLN A 164 18.64 -1.25 1.66
C GLN A 164 17.53 -0.22 1.79
N GLU A 165 16.46 -0.44 1.05
CA GLU A 165 15.33 0.47 1.05
C GLU A 165 14.19 -0.09 1.89
N SER A 166 13.37 0.81 2.41
CA SER A 166 12.14 0.44 3.09
C SER A 166 11.10 1.51 2.77
N VAL A 167 9.88 1.08 2.45
CA VAL A 167 8.82 1.98 2.02
C VAL A 167 7.59 1.73 2.87
N THR A 168 6.91 2.80 3.25
CA THR A 168 5.68 2.67 4.03
C THR A 168 4.53 2.19 3.14
N GLU A 169 3.47 1.74 3.80
CA GLU A 169 2.22 1.54 3.10
C GLU A 169 1.63 2.89 2.69
N GLN A 170 0.70 2.85 1.74
CA GLN A 170 0.08 4.09 1.28
C GLN A 170 -0.69 4.73 2.43
N ASP A 171 -0.45 6.01 2.65
CA ASP A 171 -1.06 6.69 3.78
C ASP A 171 -2.58 6.74 3.61
N SER A 172 -3.30 6.29 4.63
CA SER A 172 -4.75 6.21 4.55
C SER A 172 -5.43 7.57 4.54
N LYS A 173 -4.70 8.66 4.76
CA LYS A 173 -5.30 10.00 4.75
C LYS A 173 -4.90 10.85 3.55
N ASP A 174 -3.64 10.84 3.12
CA ASP A 174 -3.22 11.66 1.99
C ASP A 174 -2.72 10.85 0.79
N SER A 175 -2.73 9.53 0.87
CA SER A 175 -2.41 8.63 -0.24
C SER A 175 -0.97 8.72 -0.72
N THR A 176 -0.05 9.22 0.11
CA THR A 176 1.35 9.28 -0.25
C THR A 176 2.12 8.11 0.36
N TYR A 177 3.33 7.94 -0.14
CA TYR A 177 4.30 6.99 0.41
C TYR A 177 5.47 7.74 1.03
N SER A 178 6.21 7.02 1.86
CA SER A 178 7.49 7.49 2.36
C SER A 178 8.50 6.36 2.23
N LEU A 179 9.76 6.74 2.11
CA LEU A 179 10.81 5.78 1.80
C LEU A 179 12.07 6.16 2.54
N SER A 180 12.80 5.15 2.99
CA SER A 180 14.12 5.34 3.57
C SER A 180 15.12 4.47 2.85
N SER A 181 16.29 5.03 2.60
CA SER A 181 17.42 4.29 2.06
C SER A 181 18.56 4.39 3.07
N THR A 182 19.09 3.24 3.47
CA THR A 182 20.15 3.18 4.48
C THR A 182 21.40 2.60 3.84
N LEU A 183 22.47 3.38 3.87
CA LEU A 183 23.79 2.94 3.41
C LEU A 183 24.60 2.49 4.62
N THR A 184 25.08 1.24 4.59
CA THR A 184 25.82 0.69 5.71
C THR A 184 27.24 0.33 5.28
N LEU A 185 28.21 0.85 6.01
CA LEU A 185 29.62 0.60 5.77
C LEU A 185 30.30 0.32 7.10
N SER A 186 31.36 -0.48 7.05
CA SER A 186 32.24 -0.56 8.21
C SER A 186 32.86 0.81 8.47
N LYS A 187 33.27 1.04 9.71
CA LYS A 187 33.91 2.29 10.07
C LYS A 187 35.11 2.59 9.17
N ALA A 188 35.91 1.55 8.86
CA ALA A 188 37.13 1.77 8.09
C ALA A 188 36.82 2.10 6.63
N ASP A 189 35.81 1.45 6.05
CA ASP A 189 35.40 1.81 4.69
C ASP A 189 34.73 3.18 4.68
N TYR A 190 34.02 3.52 5.75
CA TYR A 190 33.40 4.84 5.84
C TYR A 190 34.46 5.94 5.83
N GLU A 191 35.59 5.71 6.49
CA GLU A 191 36.65 6.71 6.55
C GLU A 191 37.44 6.83 5.25
N LYS A 192 37.17 5.98 4.26
CA LYS A 192 37.84 6.08 2.96
C LYS A 192 37.25 7.16 2.06
N HIS A 193 36.22 7.87 2.51
CA HIS A 193 35.51 8.80 1.65
C HIS A 193 35.14 10.05 2.44
N LYS A 194 34.99 11.15 1.71
CA LYS A 194 34.72 12.45 2.30
C LYS A 194 33.27 12.90 2.15
N VAL A 195 32.70 12.76 0.96
CA VAL A 195 31.38 13.28 0.64
C VAL A 195 30.41 12.12 0.48
N TYR A 196 29.31 12.19 1.23
CA TYR A 196 28.23 11.20 1.16
C TYR A 196 26.98 11.93 0.70
N ALA A 197 26.37 11.44 -0.37
CA ALA A 197 25.22 12.07 -0.97
C ALA A 197 24.20 11.02 -1.38
N CYS A 198 22.92 11.32 -1.22
CA CYS A 198 21.88 10.54 -1.84
C CYS A 198 21.18 11.41 -2.87
N GLU A 199 21.00 10.87 -4.06
CA GLU A 199 20.42 11.58 -5.20
C GLU A 199 19.07 10.95 -5.49
N VAL A 200 18.02 11.78 -5.52
CA VAL A 200 16.66 11.28 -5.60
C VAL A 200 16.06 11.70 -6.94
N THR A 201 15.57 10.73 -7.68
CA THR A 201 14.86 10.92 -8.94
C THR A 201 13.41 10.51 -8.73
N HIS A 202 12.49 11.37 -9.15
CA HIS A 202 11.08 11.09 -8.96
C HIS A 202 10.27 11.89 -9.97
N GLN A 203 9.16 11.30 -10.42
CA GLN A 203 8.31 11.93 -11.44
C GLN A 203 7.94 13.36 -11.07
N GLY A 204 7.74 13.64 -9.77
CA GLY A 204 7.36 14.95 -9.33
C GLY A 204 8.46 16.00 -9.28
N LEU A 205 9.71 15.60 -9.44
CA LEU A 205 10.83 16.53 -9.39
C LEU A 205 11.29 16.85 -10.80
N SER A 206 11.36 18.14 -11.12
CA SER A 206 11.89 18.58 -12.41
C SER A 206 13.26 17.96 -12.67
N SER A 207 14.19 18.16 -11.75
CA SER A 207 15.55 17.65 -11.81
C SER A 207 15.86 16.89 -10.53
N PRO A 208 16.79 15.94 -10.58
CA PRO A 208 17.11 15.17 -9.37
C PRO A 208 17.55 16.06 -8.21
N VAL A 209 17.22 15.62 -7.01
CA VAL A 209 17.53 16.34 -5.78
C VAL A 209 18.63 15.61 -5.04
N THR A 210 19.66 16.34 -4.63
CA THR A 210 20.81 15.77 -3.95
C THR A 210 20.92 16.36 -2.55
N LYS A 211 21.05 15.50 -1.56
CA LYS A 211 21.35 15.91 -0.19
C LYS A 211 22.65 15.23 0.21
N SER A 212 23.58 16.01 0.77
CA SER A 212 24.91 15.52 1.03
C SER A 212 25.44 16.10 2.32
N PHE A 213 26.52 15.51 2.81
CA PHE A 213 27.26 16.04 3.95
C PHE A 213 28.71 15.65 3.78
N ASN A 214 29.59 16.37 4.49
CA ASN A 214 31.00 16.05 4.55
C ASN A 214 31.28 15.26 5.81
N ARG A 215 32.01 14.15 5.67
CA ARG A 215 32.33 13.33 6.82
C ARG A 215 33.16 14.13 7.83
N GLY A 216 32.61 14.32 9.02
CA GLY A 216 33.27 15.09 10.06
C GLY A 216 32.57 16.39 10.39
N GLU A 217 32.42 17.27 9.39
CA GLU A 217 31.76 18.55 9.60
C GLU A 217 30.25 18.35 9.75
CA VAL B 2 -16.29 -8.03 23.33
C VAL B 2 -15.07 -8.06 22.42
N GLN B 3 -13.93 -8.46 22.96
CA GLN B 3 -12.67 -8.46 22.19
C GLN B 3 -11.86 -9.76 22.35
N LEU B 4 -11.03 -10.04 21.35
CA LEU B 4 -10.19 -11.22 21.30
C LEU B 4 -8.74 -10.81 21.54
N GLN B 5 -8.16 -11.28 22.65
CA GLN B 5 -6.80 -10.94 23.01
C GLN B 5 -5.89 -12.14 22.76
N GLN B 6 -5.00 -12.02 21.78
CA GLN B 6 -4.06 -13.09 21.48
C GLN B 6 -2.76 -12.88 22.22
N SER B 7 -2.03 -13.98 22.42
CA SER B 7 -0.77 -13.94 23.13
C SER B 7 0.33 -13.30 22.25
N GLY B 8 1.47 -13.03 22.87
CA GLY B 8 2.51 -12.26 22.22
C GLY B 8 3.32 -13.04 21.20
N ALA B 9 4.15 -12.31 20.47
CA ALA B 9 5.00 -12.90 19.45
C ALA B 9 5.91 -13.96 20.03
N GLU B 10 6.16 -15.01 19.24
CA GLU B 10 6.92 -16.17 19.68
C GLU B 10 8.15 -16.37 18.80
N LEU B 11 9.21 -16.88 19.41
CA LEU B 11 10.40 -17.35 18.72
C LEU B 11 10.59 -18.81 19.09
N ALA B 12 10.67 -19.68 18.08
CA ALA B 12 10.80 -21.10 18.32
C ALA B 12 11.81 -21.69 17.36
N LYS B 13 12.48 -22.73 17.82
CA LYS B 13 13.51 -23.35 17.00
C LYS B 13 12.92 -24.38 16.04
N PRO B 14 13.58 -24.62 14.91
CA PRO B 14 13.10 -25.66 13.97
C PRO B 14 12.92 -27.00 14.67
N GLY B 15 11.79 -27.64 14.40
CA GLY B 15 11.47 -28.91 14.99
C GLY B 15 10.75 -28.83 16.32
N ALA B 16 10.78 -27.68 16.97
CA ALA B 16 10.14 -27.53 18.26
C ALA B 16 8.64 -27.34 18.07
N SER B 17 7.95 -27.04 19.16
CA SER B 17 6.51 -26.81 19.15
C SER B 17 6.24 -25.46 19.77
N VAL B 18 5.02 -24.98 19.54
CA VAL B 18 4.62 -23.65 20.01
C VAL B 18 3.11 -23.70 20.26
N MET B 19 2.68 -23.12 21.37
CA MET B 19 1.27 -23.04 21.70
C MET B 19 0.85 -21.57 21.82
N LEU B 20 -0.13 -21.18 21.00
CA LEU B 20 -0.67 -19.83 21.00
C LEU B 20 -2.05 -19.83 21.65
N SER B 21 -2.45 -18.69 22.20
CA SER B 21 -3.70 -18.60 22.94
C SER B 21 -4.48 -17.37 22.48
N CYS B 22 -5.79 -17.43 22.73
CA CYS B 22 -6.70 -16.35 22.38
C CYS B 22 -7.82 -16.35 23.40
N LYS B 23 -7.95 -15.25 24.15
CA LYS B 23 -8.91 -15.13 25.23
C LYS B 23 -10.02 -14.18 24.82
N ALA B 24 -11.26 -14.68 24.82
CA ALA B 24 -12.42 -13.86 24.52
C ALA B 24 -12.94 -13.24 25.81
N SER B 25 -13.15 -11.93 25.79
CA SER B 25 -13.61 -11.22 26.97
C SER B 25 -14.87 -10.42 26.69
N PHE B 29 -21.94 -15.51 26.64
CA PHE B 29 -22.80 -16.56 27.16
C PHE B 29 -23.68 -17.15 26.06
N ASN B 30 -23.05 -17.79 25.08
CA ASN B 30 -23.74 -18.36 23.94
C ASN B 30 -22.77 -19.29 23.22
N GLY B 31 -23.30 -20.04 22.25
CA GLY B 31 -22.47 -20.91 21.45
C GLY B 31 -21.77 -20.14 20.34
N TYR B 32 -20.50 -20.49 20.12
CA TYR B 32 -19.70 -19.85 19.10
C TYR B 32 -18.58 -20.79 18.71
N TRP B 33 -17.97 -20.53 17.57
CA TRP B 33 -16.83 -21.31 17.09
C TRP B 33 -15.61 -20.41 17.02
N MET B 34 -14.48 -20.92 17.47
CA MET B 34 -13.19 -20.24 17.35
C MET B 34 -12.45 -20.84 16.18
N HIS B 35 -12.18 -20.02 15.16
CA HIS B 35 -11.38 -20.44 14.02
C HIS B 35 -9.97 -19.88 14.17
N TRP B 36 -9.02 -20.51 13.49
CA TRP B 36 -7.67 -20.00 13.39
C TRP B 36 -7.30 -19.85 11.92
N VAL B 37 -6.59 -18.76 11.60
CA VAL B 37 -6.23 -18.39 10.24
C VAL B 37 -4.74 -18.06 10.21
N LYS B 38 -4.05 -18.54 9.18
CA LYS B 38 -2.63 -18.33 9.03
C LYS B 38 -2.38 -17.33 7.91
N GLN B 39 -1.51 -16.35 8.16
CA GLN B 39 -1.12 -15.38 7.14
C GLN B 39 0.39 -15.25 7.13
N ARG B 40 1.01 -15.68 6.06
CA ARG B 40 2.45 -15.51 5.92
C ARG B 40 2.76 -14.07 5.51
N PRO B 41 3.95 -13.56 5.88
CA PRO B 41 4.27 -12.14 5.65
C PRO B 41 4.01 -11.67 4.22
N GLY B 42 3.15 -10.67 4.08
CA GLY B 42 2.78 -10.17 2.77
C GLY B 42 2.10 -11.20 1.89
N GLN B 43 1.37 -12.13 2.46
CA GLN B 43 0.82 -13.23 1.69
C GLN B 43 -0.67 -13.45 1.94
N ASP B 44 -1.20 -14.57 1.44
CA ASP B 44 -2.62 -14.85 1.47
C ASP B 44 -3.03 -15.41 2.83
N LEU B 45 -4.34 -15.66 2.98
CA LEU B 45 -4.92 -16.16 4.21
C LEU B 45 -5.24 -17.64 4.05
N GLU B 46 -4.84 -18.45 5.02
CA GLU B 46 -5.13 -19.87 5.02
C GLU B 46 -5.93 -20.22 6.27
N TRP B 47 -7.05 -20.90 6.05
CA TRP B 47 -7.89 -21.35 7.15
C TRP B 47 -7.33 -22.64 7.73
N ILE B 48 -7.09 -22.66 9.04
CA ILE B 48 -6.50 -23.83 9.69
C ILE B 48 -7.57 -24.80 10.18
N GLY B 49 -8.59 -24.28 10.83
CA GLY B 49 -9.60 -25.13 11.45
C GLY B 49 -10.38 -24.35 12.48
N TYR B 50 -11.34 -25.03 13.09
CA TYR B 50 -12.17 -24.41 14.13
C TYR B 50 -12.40 -25.40 15.26
N ILE B 51 -12.82 -24.86 16.40
CA ILE B 51 -13.18 -25.64 17.57
C ILE B 51 -14.43 -25.04 18.20
N ASN B 52 -15.32 -25.90 18.69
CA ASN B 52 -16.46 -25.46 19.48
C ASN B 52 -16.09 -25.60 20.95
N PRO B 53 -15.86 -24.50 21.67
CA PRO B 53 -15.46 -24.63 23.08
C PRO B 53 -16.53 -25.26 23.97
N THR B 54 -17.77 -25.38 23.49
CA THR B 54 -18.81 -26.02 24.30
C THR B 54 -18.68 -27.53 24.27
N THR B 55 -18.57 -28.11 23.08
CA THR B 55 -18.43 -29.56 22.94
C THR B 55 -16.99 -30.02 22.86
N GLY B 56 -16.07 -29.14 22.49
CA GLY B 56 -14.70 -29.55 22.21
C GLY B 56 -14.51 -30.13 20.83
N HIS B 57 -15.54 -30.12 19.99
CA HIS B 57 -15.43 -30.66 18.65
C HIS B 57 -14.57 -29.77 17.77
N THR B 58 -13.76 -30.39 16.93
CA THR B 58 -12.84 -29.68 16.05
C THR B 58 -13.01 -30.15 14.62
N GLU B 59 -12.64 -29.26 13.70
CA GLU B 59 -12.53 -29.58 12.28
C GLU B 59 -11.24 -28.94 11.78
N TYR B 60 -10.46 -29.68 11.00
CA TYR B 60 -9.17 -29.20 10.52
C TYR B 60 -9.18 -29.13 9.00
N ASN B 61 -8.53 -28.11 8.46
CA ASN B 61 -8.09 -28.16 7.08
C ASN B 61 -7.11 -29.32 6.94
N GLN B 62 -7.36 -30.21 5.98
CA GLN B 62 -6.52 -31.40 5.82
C GLN B 62 -5.03 -31.05 5.72
N LYS B 63 -4.71 -29.88 5.14
CA LYS B 63 -3.31 -29.48 5.01
C LYS B 63 -2.64 -29.24 6.36
N PHE B 64 -3.42 -29.04 7.43
CA PHE B 64 -2.86 -28.79 8.75
C PHE B 64 -3.14 -29.91 9.74
N LYS B 65 -3.61 -31.08 9.26
CA LYS B 65 -4.00 -32.16 10.17
C LYS B 65 -2.87 -32.54 11.12
N ASP B 66 -1.64 -32.61 10.61
CA ASP B 66 -0.49 -33.01 11.41
C ASP B 66 0.28 -31.82 11.97
N LYS B 67 -0.07 -30.60 11.59
CA LYS B 67 0.64 -29.41 11.99
C LYS B 67 0.02 -28.73 13.21
N ALA B 68 -1.31 -28.72 13.30
CA ALA B 68 -2.02 -27.92 14.28
C ALA B 68 -2.93 -28.79 15.14
N THR B 69 -3.04 -28.43 16.41
CA THR B 69 -3.97 -29.05 17.34
C THR B 69 -4.72 -27.94 18.06
N LEU B 70 -6.05 -27.96 17.96
CA LEU B 70 -6.89 -26.92 18.54
C LEU B 70 -7.46 -27.39 19.88
N THR B 71 -7.41 -26.49 20.86
CA THR B 71 -7.86 -26.78 22.21
C THR B 71 -8.62 -25.57 22.74
N ALA B 72 -9.63 -25.82 23.57
CA ALA B 72 -10.42 -24.75 24.17
C ALA B 72 -10.64 -25.01 25.64
N ASP B 73 -10.52 -23.96 26.44
CA ASP B 73 -10.84 -23.99 27.86
C ASP B 73 -12.04 -23.08 28.07
N GLU B 74 -13.23 -23.68 28.17
CA GLU B 74 -14.45 -22.92 28.34
C GLU B 74 -14.48 -22.15 29.65
N SER B 75 -13.71 -22.59 30.66
CA SER B 75 -13.72 -21.94 31.96
C SER B 75 -13.30 -20.48 31.87
N SER B 76 -12.34 -20.18 30.99
CA SER B 76 -11.85 -18.81 30.84
C SER B 76 -12.07 -18.27 29.42
N ASN B 77 -12.82 -18.98 28.59
CA ASN B 77 -13.08 -18.56 27.20
C ASN B 77 -11.78 -18.37 26.43
N THR B 78 -10.84 -19.28 26.62
CA THR B 78 -9.54 -19.22 25.96
C THR B 78 -9.41 -20.40 25.00
N ALA B 79 -9.06 -20.09 23.75
CA ALA B 79 -8.80 -21.09 22.73
C ALA B 79 -7.31 -21.17 22.45
N TYR B 80 -6.81 -22.39 22.25
CA TYR B 80 -5.38 -22.63 22.05
C TYR B 80 -5.16 -23.33 20.72
N ILE B 81 -4.02 -23.04 20.10
CA ILE B 81 -3.55 -23.79 18.94
C ILE B 81 -2.11 -24.22 19.20
N GLU B 82 -1.83 -25.49 18.99
CA GLU B 82 -0.49 -26.04 19.13
C GLU B 82 0.06 -26.32 17.73
N LEU B 83 1.16 -25.67 17.39
CA LEU B 83 1.88 -25.91 16.13
C LEU B 83 3.12 -26.72 16.45
N SER B 84 3.29 -27.85 15.78
CA SER B 84 4.39 -28.76 16.05
C SER B 84 5.24 -28.97 14.81
N SER B 85 6.42 -29.56 15.02
CA SER B 85 7.38 -29.85 13.94
C SER B 85 7.67 -28.60 13.11
N LEU B 86 7.99 -27.51 13.80
CA LEU B 86 8.05 -26.21 13.14
C LEU B 86 9.15 -26.15 12.09
N THR B 87 8.82 -25.60 10.93
CA THR B 87 9.76 -25.29 9.86
C THR B 87 9.68 -23.80 9.54
N SER B 88 10.53 -23.38 8.60
CA SER B 88 10.52 -21.99 8.15
C SER B 88 9.16 -21.60 7.59
N ASP B 89 8.48 -22.53 6.91
CA ASP B 89 7.17 -22.27 6.35
C ASP B 89 6.12 -21.96 7.42
N ASP B 90 6.39 -22.30 8.67
CA ASP B 90 5.43 -22.01 9.73
C ASP B 90 5.56 -20.61 10.29
N SER B 91 6.60 -19.86 9.91
CA SER B 91 6.71 -18.47 10.32
C SER B 91 5.63 -17.65 9.65
N ALA B 92 4.80 -16.99 10.46
CA ALA B 92 3.61 -16.31 9.95
C ALA B 92 2.93 -15.59 11.10
N VAL B 93 1.90 -14.83 10.76
CA VAL B 93 0.97 -14.30 11.75
C VAL B 93 -0.21 -15.25 11.83
N TYR B 94 -0.59 -15.63 13.04
CA TYR B 94 -1.71 -16.52 13.28
C TYR B 94 -2.83 -15.74 13.95
N TYR B 95 -4.00 -15.71 13.32
CA TYR B 95 -5.17 -15.02 13.83
C TYR B 95 -6.19 -16.00 14.37
N CYS B 96 -6.82 -15.63 15.47
CA CYS B 96 -8.05 -16.27 15.94
CA CYS B 96 -8.04 -16.29 15.89
C CYS B 96 -9.23 -15.42 15.52
N ALA B 97 -10.31 -16.06 15.10
CA ALA B 97 -11.52 -15.36 14.69
C ALA B 97 -12.74 -16.10 15.23
N ARG B 98 -13.76 -15.34 15.59
CA ARG B 98 -14.96 -15.88 16.24
C ARG B 98 -16.11 -15.92 15.24
N GLN B 99 -16.81 -17.05 15.19
CA GLN B 99 -18.03 -17.19 14.41
C GLN B 99 -19.18 -17.42 15.37
N GLU B 100 -20.18 -16.54 15.30
CA GLU B 100 -21.33 -16.65 16.20
C GLU B 100 -22.33 -17.66 15.65
N TYR B 101 -23.13 -18.21 16.57
CA TYR B 101 -24.20 -19.11 16.15
C TYR B 101 -25.14 -18.40 15.20
N ARG B 102 -25.47 -19.07 14.10
CA ARG B 102 -26.34 -18.63 13.00
C ARG B 102 -25.58 -17.77 11.99
N HIS B 103 -24.30 -17.49 12.20
CA HIS B 103 -23.49 -16.71 11.27
C HIS B 103 -22.65 -17.63 10.40
N SER B 104 -22.41 -17.21 9.17
CA SER B 104 -21.51 -17.88 8.24
C SER B 104 -20.35 -16.96 7.85
N TRP B 105 -19.80 -16.26 8.84
CA TRP B 105 -18.73 -15.31 8.65
C TRP B 105 -18.09 -15.05 10.00
N PHE B 106 -16.93 -14.40 9.96
CA PHE B 106 -16.22 -14.04 11.18
C PHE B 106 -16.70 -12.68 11.67
N ALA B 107 -17.11 -12.61 12.93
CA ALA B 107 -17.58 -11.35 13.50
C ALA B 107 -16.46 -10.54 14.13
N TYR B 108 -15.50 -11.21 14.77
CA TYR B 108 -14.37 -10.53 15.39
C TYR B 108 -13.09 -11.33 15.14
N TRP B 109 -11.98 -10.60 15.08
CA TRP B 109 -10.66 -11.20 14.96
C TRP B 109 -9.80 -10.77 16.14
N GLY B 110 -8.83 -11.60 16.49
CA GLY B 110 -7.75 -11.16 17.36
C GLY B 110 -6.77 -10.30 16.58
N GLN B 111 -5.83 -9.70 17.31
CA GLN B 111 -4.85 -8.85 16.65
C GLN B 111 -3.75 -9.66 15.97
N GLY B 112 -3.71 -10.96 16.16
CA GLY B 112 -2.71 -11.78 15.50
C GLY B 112 -1.47 -12.00 16.35
N THR B 113 -0.85 -13.16 16.16
CA THR B 113 0.36 -13.54 16.88
C THR B 113 1.43 -13.93 15.86
N LEU B 114 2.54 -13.22 15.87
CA LEU B 114 3.64 -13.51 14.97
C LEU B 114 4.48 -14.66 15.52
N VAL B 115 4.69 -15.68 14.71
CA VAL B 115 5.57 -16.79 15.05
C VAL B 115 6.79 -16.73 14.13
N THR B 116 7.97 -16.71 14.73
CA THR B 116 9.23 -16.79 13.99
C THR B 116 9.89 -18.13 14.30
N VAL B 117 10.21 -18.88 13.26
CA VAL B 117 10.93 -20.15 13.39
C VAL B 117 12.35 -19.93 12.91
N SER B 118 13.30 -20.08 13.83
CA SER B 118 14.70 -19.79 13.56
C SER B 118 15.54 -20.33 14.70
N ALA B 119 16.75 -20.78 14.37
CA ALA B 119 17.70 -21.17 15.40
C ALA B 119 18.39 -19.98 16.03
N ALA B 120 18.29 -18.80 15.43
CA ALA B 120 18.94 -17.62 15.98
C ALA B 120 18.39 -17.27 17.35
N SER B 121 19.21 -16.61 18.15
CA SER B 121 18.86 -16.27 19.52
C SER B 121 18.32 -14.85 19.62
N THR B 122 17.55 -14.62 20.68
CA THR B 122 16.96 -13.31 20.92
C THR B 122 18.04 -12.27 21.20
N LYS B 123 17.87 -11.08 20.65
CA LYS B 123 18.80 -9.98 20.89
C LYS B 123 18.04 -8.67 20.82
N GLY B 124 18.30 -7.79 21.79
CA GLY B 124 17.66 -6.50 21.86
C GLY B 124 18.36 -5.45 21.03
N PRO B 125 17.64 -4.39 20.68
CA PRO B 125 18.18 -3.42 19.72
C PRO B 125 19.11 -2.40 20.36
N SER B 126 19.90 -1.78 19.50
CA SER B 126 20.59 -0.52 19.79
C SER B 126 19.84 0.60 19.09
N VAL B 127 19.70 1.74 19.76
CA VAL B 127 18.92 2.86 19.25
C VAL B 127 19.84 4.06 19.11
N PHE B 128 19.94 4.59 17.89
CA PHE B 128 20.78 5.72 17.55
C PHE B 128 19.94 6.86 17.00
N PRO B 129 20.20 8.10 17.40
CA PRO B 129 19.39 9.22 16.89
C PRO B 129 19.67 9.47 15.42
N LEU B 130 18.62 9.92 14.72
CA LEU B 130 18.75 10.52 13.39
C LEU B 130 18.55 12.01 13.63
N ALA B 131 19.68 12.76 13.72
CA ALA B 131 19.66 14.13 14.20
C ALA B 131 19.33 15.10 13.08
N PRO B 132 18.48 16.08 13.37
CA PRO B 132 18.02 17.02 12.34
C PRO B 132 19.11 17.92 11.80
N SER B 133 18.69 19.02 11.17
CA SER B 133 19.60 20.00 10.56
C SER B 133 20.74 20.42 11.47
N GLY B 140 11.03 25.43 6.66
CA GLY B 140 10.52 25.56 8.01
C GLY B 140 10.13 24.24 8.64
N THR B 141 10.46 23.14 7.96
CA THR B 141 10.16 21.80 8.43
C THR B 141 11.47 21.03 8.60
N ALA B 142 11.65 20.43 9.77
CA ALA B 142 12.78 19.57 10.05
C ALA B 142 12.32 18.12 10.16
N ALA B 143 13.26 17.21 9.95
CA ALA B 143 13.02 15.78 10.16
C ALA B 143 14.06 15.25 11.13
N LEU B 144 13.61 14.41 12.06
CA LEU B 144 14.51 13.73 12.97
C LEU B 144 13.97 12.32 13.15
N GLY B 145 14.71 11.49 13.88
CA GLY B 145 14.26 10.12 14.02
C GLY B 145 15.19 9.30 14.87
N CYS B 146 14.98 7.99 14.78
CA CYS B 146 15.75 7.01 15.54
CA CYS B 146 15.80 7.03 15.52
C CYS B 146 16.05 5.81 14.65
N LEU B 147 17.29 5.34 14.69
CA LEU B 147 17.69 4.14 13.99
C LEU B 147 17.68 3.01 15.02
N VAL B 148 16.78 2.05 14.82
CA VAL B 148 16.66 0.89 15.71
C VAL B 148 17.33 -0.28 15.01
N LYS B 149 18.48 -0.70 15.53
CA LYS B 149 19.39 -1.57 14.81
C LYS B 149 19.71 -2.83 15.61
N ASP B 150 19.80 -3.95 14.89
CA ASP B 150 20.44 -5.18 15.36
C ASP B 150 19.62 -5.88 16.45
N TYR B 151 18.36 -6.12 16.17
CA TYR B 151 17.52 -6.86 17.10
C TYR B 151 17.00 -8.11 16.42
N PHE B 152 16.50 -9.03 17.24
CA PHE B 152 15.94 -10.28 16.77
C PHE B 152 15.15 -10.93 17.91
N PRO B 153 13.95 -11.45 17.63
CA PRO B 153 13.27 -11.37 16.33
C PRO B 153 12.40 -10.12 16.23
N GLU B 154 11.62 -10.03 15.16
CA GLU B 154 10.51 -9.09 15.09
C GLU B 154 9.51 -9.49 16.18
N PRO B 155 8.71 -8.52 16.67
CA PRO B 155 8.71 -7.12 16.24
C PRO B 155 9.18 -6.15 17.31
N VAL B 156 9.36 -4.91 16.87
CA VAL B 156 9.67 -3.80 17.76
CA VAL B 156 9.70 -3.78 17.72
C VAL B 156 8.60 -2.73 17.56
N THR B 157 8.23 -2.07 18.66
CA THR B 157 7.28 -0.97 18.59
C THR B 157 8.01 0.33 18.90
N VAL B 158 7.64 1.39 18.19
CA VAL B 158 8.22 2.71 18.41
C VAL B 158 7.09 3.69 18.62
N SER B 159 7.22 4.51 19.65
CA SER B 159 6.34 5.65 19.86
C SER B 159 7.21 6.87 20.08
N TRP B 160 6.59 8.05 19.99
CA TRP B 160 7.29 9.31 20.21
C TRP B 160 6.60 10.08 21.33
N ASN B 161 7.41 10.56 22.28
CA ASN B 161 6.93 11.30 23.44
C ASN B 161 5.83 10.54 24.17
N SER B 162 6.08 9.24 24.39
CA SER B 162 5.16 8.36 25.11
C SER B 162 3.77 8.36 24.46
N GLY B 163 3.74 8.37 23.13
CA GLY B 163 2.50 8.35 22.38
C GLY B 163 1.85 9.70 22.17
N ALA B 164 2.40 10.77 22.74
CA ALA B 164 1.78 12.09 22.56
C ALA B 164 1.99 12.64 21.16
N LEU B 165 3.08 12.23 20.49
CA LEU B 165 3.41 12.71 19.15
C LEU B 165 3.15 11.58 18.15
N THR B 166 2.09 11.71 17.37
CA THR B 166 1.75 10.73 16.35
C THR B 166 1.68 11.31 14.94
N SER B 167 1.36 12.59 14.80
CA SER B 167 1.24 13.19 13.47
C SER B 167 2.61 13.42 12.86
N GLY B 168 2.75 13.09 11.58
CA GLY B 168 4.03 13.16 10.90
C GLY B 168 4.98 12.02 11.17
N VAL B 169 4.59 11.02 11.96
CA VAL B 169 5.47 9.89 12.28
C VAL B 169 5.37 8.85 11.18
N HIS B 170 6.52 8.38 10.70
CA HIS B 170 6.61 7.20 9.83
C HIS B 170 7.57 6.21 10.48
N THR B 171 7.06 5.02 10.81
CA THR B 171 7.88 3.91 11.28
C THR B 171 7.96 2.89 10.16
N PHE B 172 9.13 2.73 9.59
CA PHE B 172 9.32 1.92 8.40
C PHE B 172 9.32 0.44 8.73
N PRO B 173 8.94 -0.41 7.77
CA PRO B 173 9.08 -1.86 7.97
C PRO B 173 10.54 -2.23 8.18
N ALA B 174 10.77 -3.22 9.02
CA ALA B 174 12.13 -3.67 9.30
C ALA B 174 12.71 -4.38 8.10
N VAL B 175 14.04 -4.31 7.97
CA VAL B 175 14.75 -5.07 6.95
C VAL B 175 15.76 -5.98 7.64
N LEU B 176 15.92 -7.18 7.10
CA LEU B 176 16.92 -8.11 7.59
C LEU B 176 18.29 -7.69 7.05
N GLN B 177 19.23 -7.45 7.95
CA GLN B 177 20.56 -7.02 7.56
C GLN B 177 21.46 -8.22 7.28
N SER B 178 22.64 -7.93 6.73
CA SER B 178 23.60 -8.98 6.41
C SER B 178 24.01 -9.80 7.63
N SER B 179 23.89 -9.22 8.83
CA SER B 179 24.18 -9.95 10.05
C SER B 179 23.08 -10.94 10.44
N GLY B 180 21.93 -10.90 9.78
CA GLY B 180 20.81 -11.70 10.21
C GLY B 180 19.97 -11.06 11.29
N LEU B 181 20.23 -9.80 11.62
CA LEU B 181 19.45 -9.06 12.60
C LEU B 181 18.64 -7.99 11.88
N TYR B 182 17.50 -7.64 12.46
CA TYR B 182 16.60 -6.68 11.87
C TYR B 182 17.04 -5.26 12.20
N SER B 183 16.60 -4.33 11.36
CA SER B 183 16.85 -2.92 11.58
C SER B 183 15.69 -2.12 11.00
N LEU B 184 15.34 -1.04 11.67
CA LEU B 184 14.36 -0.11 11.13
C LEU B 184 14.68 1.30 11.61
N SER B 185 14.04 2.26 10.95
CA SER B 185 14.10 3.65 11.39
CA SER B 185 14.10 3.65 11.38
C SER B 185 12.68 4.16 11.60
N SER B 186 12.55 5.08 12.56
CA SER B 186 11.31 5.79 12.78
C SER B 186 11.63 7.27 12.68
N VAL B 187 10.88 7.98 11.83
CA VAL B 187 11.12 9.38 11.59
C VAL B 187 9.84 10.17 11.83
N VAL B 188 10.03 11.47 12.09
CA VAL B 188 8.91 12.39 12.23
C VAL B 188 9.37 13.74 11.72
N THR B 189 8.47 14.42 11.02
CA THR B 189 8.71 15.80 10.60
C THR B 189 8.06 16.73 11.61
N VAL B 190 8.78 17.76 12.01
CA VAL B 190 8.33 18.69 13.05
C VAL B 190 8.61 20.10 12.57
N PRO B 191 7.93 21.09 13.15
CA PRO B 191 8.26 22.50 12.84
C PRO B 191 9.71 22.80 13.21
N SER B 192 10.44 23.35 12.24
CA SER B 192 11.86 23.63 12.44
C SER B 192 12.10 24.65 13.53
N SER B 193 11.10 25.47 13.87
CA SER B 193 11.24 26.47 14.92
C SER B 193 11.14 25.87 16.33
N SER B 194 10.68 24.63 16.47
CA SER B 194 10.54 24.00 17.78
C SER B 194 11.73 23.15 18.17
N LEU B 195 12.80 23.14 17.36
CA LEU B 195 13.94 22.26 17.63
C LEU B 195 14.71 22.67 18.88
N GLY B 196 14.72 23.96 19.21
CA GLY B 196 15.39 24.38 20.42
C GLY B 196 14.53 24.41 21.66
N THR B 197 13.21 24.31 21.50
CA THR B 197 12.29 24.37 22.62
C THR B 197 11.64 23.03 22.95
N GLN B 198 11.44 22.16 21.98
CA GLN B 198 10.68 20.93 22.17
C GLN B 198 11.62 19.73 22.16
N THR B 199 11.41 18.83 23.12
CA THR B 199 12.18 17.60 23.21
C THR B 199 11.45 16.48 22.48
N TYR B 200 12.18 15.75 21.65
CA TYR B 200 11.64 14.65 20.87
C TYR B 200 12.37 13.37 21.25
N ILE B 201 11.68 12.47 21.95
CA ILE B 201 12.24 11.22 22.44
C ILE B 201 11.48 10.06 21.82
N CYS B 202 12.20 9.12 21.23
CA CYS B 202 11.59 7.89 20.73
C CYS B 202 11.61 6.83 21.83
N ASN B 203 10.52 6.07 21.92
CA ASN B 203 10.36 5.02 22.91
C ASN B 203 10.32 3.69 22.17
N VAL B 204 11.33 2.87 22.37
CA VAL B 204 11.49 1.62 21.64
C VAL B 204 11.24 0.46 22.60
N ASN B 205 10.38 -0.46 22.18
CA ASN B 205 9.97 -1.60 23.00
C ASN B 205 10.20 -2.86 22.20
N HIS B 206 11.02 -3.76 22.72
CA HIS B 206 11.30 -5.05 22.07
C HIS B 206 10.97 -6.13 23.10
N LYS B 207 9.71 -6.57 23.11
CA LYS B 207 9.26 -7.53 24.12
C LYS B 207 10.01 -8.86 24.09
N PRO B 208 10.35 -9.45 22.94
CA PRO B 208 11.08 -10.72 22.97
C PRO B 208 12.36 -10.69 23.79
N SER B 209 13.05 -9.54 23.86
CA SER B 209 14.22 -9.41 24.71
C SER B 209 13.95 -8.62 25.97
N ASN B 210 12.70 -8.24 26.22
CA ASN B 210 12.30 -7.49 27.41
C ASN B 210 13.11 -6.20 27.59
N THR B 211 13.43 -5.53 26.49
CA THR B 211 14.18 -4.28 26.55
C THR B 211 13.33 -3.11 26.09
N LYS B 212 13.39 -2.01 26.84
CA LYS B 212 12.76 -0.76 26.51
C LYS B 212 13.82 0.33 26.55
N VAL B 213 13.91 1.11 25.47
CA VAL B 213 14.94 2.12 25.32
C VAL B 213 14.28 3.45 24.97
N ASP B 214 14.76 4.53 25.58
CA ASP B 214 14.36 5.89 25.24
C ASP B 214 15.58 6.63 24.71
N LYS B 215 15.44 7.25 23.55
CA LYS B 215 16.55 7.98 22.94
C LYS B 215 16.10 9.37 22.56
N LYS B 216 16.88 10.37 22.96
CA LYS B 216 16.61 11.75 22.59
C LYS B 216 17.18 12.01 21.19
N ALA B 217 16.34 12.53 20.30
CA ALA B 217 16.76 12.96 18.97
C ALA B 217 16.84 14.48 18.99
N GLU B 218 18.05 15.00 18.88
CA GLU B 218 18.28 16.43 19.07
C GLU B 218 19.40 16.88 18.14
N PRO B 219 19.50 18.18 17.87
CA PRO B 219 20.60 18.68 17.04
C PRO B 219 21.95 18.35 17.66
N LYS B 220 22.82 17.72 16.87
CA LYS B 220 24.14 17.33 17.34
C LYS B 220 24.96 18.56 17.73
N SER B 221 25.77 18.41 18.77
CA SER B 221 26.56 19.53 19.31
C SER B 221 27.55 20.08 18.30
N ASP C 1 -1.90 -8.43 -16.28
CA ASP C 1 -1.31 -9.68 -16.75
C ASP C 1 -2.36 -10.77 -16.84
N ILE C 2 -2.13 -11.74 -17.72
CA ILE C 2 -3.07 -12.84 -17.91
C ILE C 2 -2.89 -13.83 -16.76
N VAL C 3 -3.94 -14.09 -16.01
CA VAL C 3 -3.90 -15.00 -14.88
C VAL C 3 -4.41 -16.36 -15.32
N LEU C 4 -3.65 -17.41 -14.99
CA LEU C 4 -3.99 -18.78 -15.34
C LEU C 4 -4.43 -19.53 -14.09
N THR C 5 -5.65 -20.05 -14.11
CA THR C 5 -6.22 -20.78 -12.97
C THR C 5 -6.23 -22.27 -13.29
N GLN C 6 -5.38 -23.01 -12.60
CA GLN C 6 -5.23 -24.44 -12.82
C GLN C 6 -6.05 -25.21 -11.79
N SER C 7 -6.68 -26.28 -12.27
CA SER C 7 -7.55 -27.10 -11.42
C SER C 7 -7.54 -28.55 -11.89
N PRO C 8 -7.52 -29.50 -10.95
CA PRO C 8 -7.48 -29.27 -9.49
C PRO C 8 -6.05 -29.06 -8.99
N ALA C 9 -5.90 -28.67 -7.73
CA ALA C 9 -4.56 -28.52 -7.17
C ALA C 9 -3.86 -29.87 -7.02
N SER C 10 -4.62 -30.90 -6.62
CA SER C 10 -4.10 -32.26 -6.52
C SER C 10 -5.12 -33.22 -7.12
N LEU C 11 -4.63 -34.35 -7.63
CA LEU C 11 -5.53 -35.42 -8.01
C LEU C 11 -4.76 -36.74 -8.01
N ALA C 12 -5.47 -37.80 -7.64
CA ALA C 12 -4.96 -39.16 -7.66
C ALA C 12 -5.72 -39.92 -8.73
N VAL C 13 -4.99 -40.63 -9.58
CA VAL C 13 -5.54 -41.31 -10.74
C VAL C 13 -5.08 -42.76 -10.71
N SER C 14 -6.01 -43.67 -11.01
CA SER C 14 -5.66 -45.10 -11.03
C SER C 14 -4.71 -45.37 -12.18
N LEU C 15 -3.77 -46.29 -11.95
CA LEU C 15 -2.86 -46.72 -12.99
C LEU C 15 -3.65 -47.23 -14.20
N GLY C 16 -3.28 -46.76 -15.38
CA GLY C 16 -3.96 -47.15 -16.60
C GLY C 16 -5.20 -46.36 -16.95
N GLN C 17 -5.62 -45.42 -16.12
CA GLN C 17 -6.83 -44.65 -16.37
C GLN C 17 -6.47 -43.21 -16.78
N ARG C 18 -7.48 -42.34 -16.84
CA ARG C 18 -7.35 -41.04 -17.46
C ARG C 18 -7.21 -39.93 -16.41
N ALA C 19 -6.17 -39.11 -16.58
CA ALA C 19 -5.99 -37.90 -15.79
C ALA C 19 -6.36 -36.69 -16.62
N THR C 20 -7.11 -35.77 -16.03
CA THR C 20 -7.58 -34.58 -16.72
C THR C 20 -7.28 -33.36 -15.85
N ILE C 21 -6.58 -32.39 -16.43
CA ILE C 21 -6.12 -31.19 -15.73
C ILE C 21 -6.59 -29.98 -16.52
N SER C 22 -7.17 -29.01 -15.83
CA SER C 22 -7.80 -27.85 -16.47
C SER C 22 -6.99 -26.59 -16.20
N CYS C 23 -6.89 -25.74 -17.22
CA CYS C 23 -6.27 -24.43 -17.11
C CYS C 23 -7.22 -23.42 -17.73
N LYS C 24 -7.63 -22.42 -16.94
CA LYS C 24 -8.54 -21.39 -17.39
C LYS C 24 -7.85 -20.03 -17.30
N ALA C 25 -7.83 -19.30 -18.41
CA ALA C 25 -7.18 -18.01 -18.50
C ALA C 25 -8.18 -16.88 -18.26
N SER C 26 -7.68 -15.77 -17.73
CA SER C 26 -8.51 -14.59 -17.52
C SER C 26 -8.78 -13.83 -18.81
N GLN C 27 -8.07 -14.16 -19.89
CA GLN C 27 -8.28 -13.55 -21.19
C GLN C 27 -7.79 -14.54 -22.26
N SER C 28 -8.29 -14.36 -23.47
CA SER C 28 -7.95 -15.28 -24.55
C SER C 28 -6.45 -15.21 -24.86
N VAL C 29 -5.85 -16.37 -25.13
CA VAL C 29 -4.43 -16.46 -25.45
C VAL C 29 -4.22 -16.85 -26.91
N ASP C 30 -5.24 -16.69 -27.75
CA ASP C 30 -5.14 -17.05 -29.17
C ASP C 30 -4.71 -15.83 -29.98
N TYR C 31 -3.57 -15.94 -30.64
CA TYR C 31 -3.09 -14.87 -31.52
C TYR C 31 -2.90 -15.40 -32.94
N ASP C 34 -2.99 -19.40 -34.27
CA ASP C 34 -2.44 -20.34 -33.29
C ASP C 34 -2.81 -19.93 -31.88
N THR C 35 -2.80 -20.89 -30.96
CA THR C 35 -3.05 -20.64 -29.55
C THR C 35 -1.73 -20.74 -28.79
N TYR C 36 -1.47 -19.76 -27.93
CA TYR C 36 -0.16 -19.66 -27.27
C TYR C 36 -0.28 -20.14 -25.82
N MET C 37 -0.41 -21.47 -25.70
CA MET C 37 -0.58 -22.14 -24.42
C MET C 37 0.30 -23.38 -24.40
N ASN C 38 1.09 -23.54 -23.34
CA ASN C 38 1.99 -24.68 -23.21
C ASN C 38 1.68 -25.42 -21.92
N TRP C 39 2.07 -26.70 -21.91
CA TRP C 39 1.95 -27.55 -20.73
C TRP C 39 3.31 -28.15 -20.42
N TYR C 40 3.71 -28.07 -19.16
CA TYR C 40 4.95 -28.66 -18.68
C TYR C 40 4.62 -29.57 -17.51
N HIS C 41 5.49 -30.55 -17.26
CA HIS C 41 5.47 -31.24 -15.99
C HIS C 41 6.87 -31.23 -15.40
N GLN C 42 6.91 -31.38 -14.09
CA GLN C 42 8.16 -31.29 -13.36
C GLN C 42 8.23 -32.42 -12.34
N LYS C 43 9.34 -33.13 -12.34
CA LYS C 43 9.60 -34.18 -11.39
C LYS C 43 10.65 -33.72 -10.39
N PRO C 44 10.63 -34.24 -9.17
CA PRO C 44 11.47 -33.67 -8.09
C PRO C 44 12.95 -33.63 -8.45
N GLY C 45 13.56 -32.47 -8.22
CA GLY C 45 14.97 -32.27 -8.49
C GLY C 45 15.30 -31.88 -9.91
N GLN C 46 14.32 -31.77 -10.78
CA GLN C 46 14.58 -31.54 -12.19
C GLN C 46 13.81 -30.30 -12.67
N PRO C 47 14.30 -29.64 -13.71
CA PRO C 47 13.55 -28.53 -14.31
C PRO C 47 12.32 -29.05 -15.01
N PRO C 48 11.34 -28.20 -15.29
CA PRO C 48 10.15 -28.64 -16.01
C PRO C 48 10.49 -29.06 -17.44
N LYS C 49 9.66 -29.93 -17.98
CA LYS C 49 9.84 -30.47 -19.33
C LYS C 49 8.61 -30.15 -20.16
N LEU C 50 8.83 -29.64 -21.36
CA LEU C 50 7.73 -29.34 -22.27
C LEU C 50 7.01 -30.62 -22.69
N LEU C 51 5.69 -30.62 -22.56
CA LEU C 51 4.83 -31.73 -22.99
C LEU C 51 4.03 -31.34 -24.21
N ILE C 52 3.25 -30.27 -24.10
CA ILE C 52 2.39 -29.77 -25.17
C ILE C 52 2.77 -28.32 -25.42
N TYR C 53 2.94 -27.97 -26.70
CA TYR C 53 3.18 -26.59 -27.07
C TYR C 53 2.09 -26.12 -28.02
N ALA C 54 1.70 -24.86 -27.88
CA ALA C 54 0.63 -24.25 -28.68
C ALA C 54 -0.66 -25.04 -28.57
N ALA C 55 -1.09 -25.26 -27.33
CA ALA C 55 -2.40 -25.82 -26.97
C ALA C 55 -2.52 -27.33 -27.24
N SER C 56 -2.03 -27.82 -28.40
CA SER C 56 -2.33 -29.20 -28.74
C SER C 56 -1.25 -29.92 -29.54
N ASN C 57 0.00 -29.47 -29.53
CA ASN C 57 1.06 -30.12 -30.27
C ASN C 57 1.95 -30.91 -29.33
N LEU C 58 2.09 -32.20 -29.60
CA LEU C 58 2.98 -33.05 -28.83
C LEU C 58 4.43 -32.71 -29.15
N ASP C 59 5.21 -32.43 -28.11
CA ASP C 59 6.63 -32.18 -28.31
C ASP C 59 7.35 -33.50 -28.59
N SER C 60 8.49 -33.39 -29.25
CA SER C 60 9.33 -34.57 -29.50
C SER C 60 9.79 -35.17 -28.17
N GLY C 61 9.90 -36.50 -28.15
CA GLY C 61 10.33 -37.21 -26.96
C GLY C 61 9.25 -37.46 -25.94
N ILE C 62 8.03 -36.98 -26.17
CA ILE C 62 6.93 -37.11 -25.23
C ILE C 62 6.01 -38.23 -25.71
N PRO C 63 5.59 -39.15 -24.84
CA PRO C 63 4.68 -40.21 -25.27
C PRO C 63 3.33 -39.64 -25.71
N ALA C 64 2.73 -40.29 -26.69
CA ALA C 64 1.47 -39.82 -27.27
C ALA C 64 0.28 -40.00 -26.33
N ARG C 65 0.46 -40.57 -25.14
CA ARG C 65 -0.59 -40.62 -24.14
CA ARG C 65 -0.63 -40.61 -24.18
C ARG C 65 -0.89 -39.26 -23.54
N PHE C 66 -0.01 -38.28 -23.74
CA PHE C 66 -0.25 -36.89 -23.37
C PHE C 66 -0.91 -36.18 -24.54
N SER C 67 -1.94 -35.40 -24.25
CA SER C 67 -2.59 -34.63 -25.30
C SER C 67 -3.23 -33.39 -24.69
N GLY C 68 -3.28 -32.32 -25.48
CA GLY C 68 -3.85 -31.07 -25.05
C GLY C 68 -4.96 -30.63 -26.00
N SER C 69 -5.89 -29.85 -25.47
CA SER C 69 -6.99 -29.33 -26.27
C SER C 69 -7.48 -28.03 -25.66
N GLY C 70 -8.49 -27.45 -26.28
CA GLY C 70 -9.12 -26.24 -25.79
C GLY C 70 -8.78 -25.04 -26.65
N SER C 71 -9.52 -23.97 -26.42
CA SER C 71 -9.31 -22.70 -27.12
C SER C 71 -9.85 -21.58 -26.25
N GLY C 72 -9.70 -20.35 -26.72
CA GLY C 72 -10.16 -19.19 -26.00
C GLY C 72 -9.52 -19.04 -24.64
N THR C 73 -10.28 -19.34 -23.59
CA THR C 73 -9.79 -19.21 -22.22
C THR C 73 -9.70 -20.52 -21.46
N ASP C 74 -10.32 -21.59 -21.95
CA ASP C 74 -10.36 -22.87 -21.24
C ASP C 74 -9.49 -23.89 -21.96
N PHE C 75 -8.59 -24.53 -21.21
CA PHE C 75 -7.66 -25.48 -21.78
C PHE C 75 -7.60 -26.73 -20.92
N THR C 76 -7.23 -27.84 -21.55
CA THR C 76 -7.24 -29.13 -20.90
C THR C 76 -6.01 -29.93 -21.32
N LEU C 77 -5.34 -30.51 -20.34
CA LEU C 77 -4.30 -31.50 -20.58
C LEU C 77 -4.83 -32.86 -20.16
N ASN C 78 -4.78 -33.82 -21.08
CA ASN C 78 -5.26 -35.17 -20.82
C ASN C 78 -4.10 -36.15 -20.85
N ILE C 79 -4.13 -37.10 -19.91
CA ILE C 79 -3.13 -38.15 -19.81
C ILE C 79 -3.89 -39.48 -19.79
N HIS C 80 -3.72 -40.28 -20.82
CA HIS C 80 -4.43 -41.56 -20.92
C HIS C 80 -3.72 -42.48 -21.91
N PRO C 81 -3.34 -43.68 -21.45
CA PRO C 81 -3.47 -44.14 -20.07
C PRO C 81 -2.33 -43.67 -19.17
N VAL C 82 -2.67 -43.41 -17.91
CA VAL C 82 -1.69 -42.94 -16.94
C VAL C 82 -0.73 -44.07 -16.58
N GLU C 83 0.55 -43.74 -16.49
CA GLU C 83 1.58 -44.68 -16.07
C GLU C 83 2.28 -44.15 -14.83
N GLU C 84 3.06 -45.02 -14.18
CA GLU C 84 3.71 -44.65 -12.93
C GLU C 84 4.64 -43.45 -13.10
N GLU C 85 5.36 -43.39 -14.22
CA GLU C 85 6.30 -42.31 -14.46
C GLU C 85 5.63 -40.95 -14.62
N ASP C 86 4.30 -40.91 -14.66
CA ASP C 86 3.61 -39.64 -14.79
C ASP C 86 3.41 -38.93 -13.45
N ALA C 87 3.88 -39.52 -12.35
CA ALA C 87 3.83 -38.84 -11.07
C ALA C 87 4.72 -37.61 -11.11
N ALA C 88 4.11 -36.44 -11.03
CA ALA C 88 4.82 -35.18 -11.27
C ALA C 88 3.85 -34.05 -10.97
N THR C 89 4.33 -32.83 -11.10
CA THR C 89 3.51 -31.64 -11.01
C THR C 89 3.41 -31.02 -12.39
N TYR C 90 2.21 -30.62 -12.78
CA TYR C 90 1.94 -30.14 -14.13
C TYR C 90 1.60 -28.66 -14.11
N TYR C 91 2.16 -27.91 -15.06
CA TYR C 91 1.99 -26.47 -15.14
C TYR C 91 1.53 -26.07 -16.53
N CYS C 92 0.53 -25.20 -16.59
CA CYS C 92 0.18 -24.54 -17.83
C CYS C 92 0.86 -23.17 -17.88
N GLN C 93 1.07 -22.67 -19.10
CA GLN C 93 1.79 -21.44 -19.33
C GLN C 93 1.20 -20.76 -20.55
N GLN C 94 1.02 -19.44 -20.47
CA GLN C 94 0.63 -18.66 -21.63
C GLN C 94 1.80 -17.81 -22.08
N THR C 95 1.99 -17.74 -23.39
CA THR C 95 3.06 -16.96 -24.01
C THR C 95 2.49 -15.97 -25.01
N ASN C 96 1.25 -15.53 -24.77
CA ASN C 96 0.57 -14.65 -25.71
C ASN C 96 0.94 -13.20 -25.48
N GLU C 97 0.73 -12.71 -24.25
CA GLU C 97 1.04 -11.34 -23.90
C GLU C 97 2.02 -11.31 -22.73
N ASP C 98 2.85 -10.28 -22.70
CA ASP C 98 3.80 -10.11 -21.62
C ASP C 98 3.10 -9.51 -20.40
N PRO C 99 3.48 -9.95 -19.20
CA PRO C 99 4.51 -10.97 -18.96
C PRO C 99 3.98 -12.39 -19.15
N TRP C 100 4.86 -13.32 -19.52
CA TRP C 100 4.51 -14.72 -19.51
C TRP C 100 4.16 -15.15 -18.08
N THR C 101 3.10 -15.95 -17.95
CA THR C 101 2.64 -16.40 -16.64
C THR C 101 2.44 -17.91 -16.63
N PHE C 102 2.57 -18.50 -15.44
CA PHE C 102 2.34 -19.90 -15.20
C PHE C 102 1.10 -20.10 -14.34
N GLY C 103 0.46 -21.27 -14.50
CA GLY C 103 -0.57 -21.67 -13.58
C GLY C 103 0.02 -22.17 -12.26
N GLY C 104 -0.88 -22.38 -11.29
CA GLY C 104 -0.44 -22.74 -9.95
C GLY C 104 0.17 -24.12 -9.83
N GLY C 105 -0.13 -25.01 -10.76
CA GLY C 105 0.45 -26.33 -10.66
C GLY C 105 -0.54 -27.36 -10.15
N THR C 106 -0.40 -28.59 -10.63
CA THR C 106 -1.28 -29.69 -10.29
C THR C 106 -0.41 -30.89 -9.96
N LYS C 107 -0.39 -31.28 -8.69
CA LYS C 107 0.39 -32.44 -8.27
C LYS C 107 -0.40 -33.71 -8.57
N LEU C 108 0.19 -34.62 -9.33
CA LEU C 108 -0.47 -35.84 -9.76
C LEU C 108 0.09 -37.02 -8.99
N GLU C 109 -0.78 -37.73 -8.27
CA GLU C 109 -0.42 -38.96 -7.60
C GLU C 109 -0.96 -40.14 -8.42
N ILE C 110 -0.12 -41.15 -8.60
CA ILE C 110 -0.54 -42.40 -9.23
C ILE C 110 -0.95 -43.37 -8.14
N LYS C 111 -2.15 -43.93 -8.27
CA LYS C 111 -2.66 -44.89 -7.30
C LYS C 111 -2.07 -46.28 -7.55
N ARG C 112 -2.00 -47.07 -6.48
CA ARG C 112 -1.57 -48.45 -6.56
C ARG C 112 -2.21 -49.22 -5.42
N THR C 113 -2.03 -50.54 -5.43
CA THR C 113 -2.53 -51.36 -4.34
C THR C 113 -1.83 -51.00 -3.04
N VAL C 114 -2.51 -51.25 -1.92
CA VAL C 114 -1.92 -51.01 -0.62
C VAL C 114 -0.67 -51.85 -0.47
N ALA C 115 0.40 -51.22 0.02
CA ALA C 115 1.67 -51.88 0.24
C ALA C 115 2.18 -51.49 1.62
N ALA C 116 2.35 -52.48 2.49
CA ALA C 116 2.79 -52.21 3.85
C ALA C 116 4.28 -51.85 3.87
N PRO C 117 4.69 -50.97 4.79
CA PRO C 117 6.11 -50.60 4.85
C PRO C 117 6.97 -51.72 5.41
N SER C 118 8.23 -51.71 4.99
CA SER C 118 9.27 -52.52 5.59
C SER C 118 10.03 -51.65 6.57
N VAL C 119 9.97 -51.98 7.85
CA VAL C 119 10.52 -51.13 8.90
C VAL C 119 11.92 -51.60 9.24
N PHE C 120 12.86 -50.66 9.30
CA PHE C 120 14.23 -50.91 9.73
C PHE C 120 14.60 -49.90 10.79
N ILE C 121 15.40 -50.32 11.77
CA ILE C 121 15.86 -49.44 12.83
C ILE C 121 17.38 -49.53 12.91
N PHE C 122 18.04 -48.37 12.94
CA PHE C 122 19.49 -48.32 12.96
C PHE C 122 19.97 -47.73 14.27
N PRO C 123 20.93 -48.35 14.94
CA PRO C 123 21.52 -47.75 16.13
C PRO C 123 22.50 -46.66 15.73
N PRO C 124 22.78 -45.72 16.62
CA PRO C 124 23.75 -44.67 16.29
C PRO C 124 25.15 -45.23 16.11
N SER C 125 25.91 -44.57 15.23
CA SER C 125 27.25 -45.01 14.90
C SER C 125 28.17 -44.92 16.12
N ASP C 126 29.27 -45.67 16.06
CA ASP C 126 30.24 -45.64 17.15
C ASP C 126 30.97 -44.29 17.20
N GLU C 127 31.32 -43.75 16.04
CA GLU C 127 32.04 -42.48 16.01
C GLU C 127 31.15 -41.30 16.31
N GLN C 128 29.85 -41.39 16.01
CA GLN C 128 28.96 -40.28 16.33
C GLN C 128 28.76 -40.13 17.82
N LEU C 129 28.60 -41.26 18.53
CA LEU C 129 28.44 -41.21 19.98
C LEU C 129 29.69 -40.67 20.67
N LYS C 130 30.85 -40.76 20.02
CA LYS C 130 32.08 -40.14 20.53
C LYS C 130 32.15 -38.65 20.25
N SER C 131 31.19 -38.11 19.49
CA SER C 131 31.13 -36.68 19.21
C SER C 131 30.18 -35.93 20.12
N GLY C 132 29.28 -36.61 20.82
CA GLY C 132 28.36 -35.96 21.72
C GLY C 132 26.90 -36.27 21.44
N THR C 133 26.53 -36.39 20.17
CA THR C 133 25.16 -36.61 19.76
C THR C 133 24.93 -38.08 19.39
N ALA C 134 23.69 -38.53 19.57
CA ALA C 134 23.28 -39.88 19.23
C ALA C 134 21.99 -39.81 18.42
N SER C 135 22.06 -40.24 17.17
CA SER C 135 20.92 -40.24 16.26
C SER C 135 20.44 -41.66 16.02
N VAL C 136 19.15 -41.89 16.25
CA VAL C 136 18.52 -43.18 16.00
C VAL C 136 17.56 -43.01 14.83
N VAL C 137 17.84 -43.70 13.73
CA VAL C 137 17.08 -43.57 12.49
C VAL C 137 16.15 -44.78 12.33
N CYS C 138 14.89 -44.52 12.02
CA CYS C 138 13.91 -45.55 11.72
C CYS C 138 13.45 -45.38 10.28
N LEU C 139 13.55 -46.45 9.49
CA LEU C 139 13.28 -46.40 8.06
C LEU C 139 12.00 -47.16 7.75
N LEU C 140 11.06 -46.49 7.09
CA LEU C 140 9.85 -47.10 6.54
C LEU C 140 10.01 -47.07 5.02
N ASN C 141 10.17 -48.24 4.41
CA ASN C 141 10.55 -48.33 3.00
C ASN C 141 9.39 -48.84 2.15
N ASN C 142 9.12 -48.14 1.05
CA ASN C 142 8.32 -48.64 -0.06
C ASN C 142 6.90 -49.02 0.36
N PHE C 143 6.16 -48.03 0.85
CA PHE C 143 4.78 -48.25 1.26
C PHE C 143 3.83 -47.36 0.47
N TYR C 144 2.55 -47.72 0.54
CA TYR C 144 1.47 -46.96 -0.08
C TYR C 144 0.17 -47.34 0.63
N PRO C 145 -0.69 -46.37 0.95
CA PRO C 145 -0.60 -44.92 0.72
C PRO C 145 0.39 -44.16 1.61
N ARG C 146 0.48 -42.85 1.37
CA ARG C 146 1.52 -42.03 1.97
C ARG C 146 1.38 -41.89 3.48
N GLU C 147 0.15 -42.00 4.01
CA GLU C 147 -0.10 -41.72 5.42
C GLU C 147 0.43 -42.86 6.30
N ALA C 148 1.34 -42.51 7.20
CA ALA C 148 1.90 -43.46 8.15
C ALA C 148 2.22 -42.74 9.46
N LYS C 149 2.14 -43.46 10.56
CA LYS C 149 2.42 -42.92 11.89
C LYS C 149 3.62 -43.65 12.48
N VAL C 150 4.56 -42.88 13.03
CA VAL C 150 5.74 -43.42 13.70
C VAL C 150 5.77 -42.90 15.13
N GLN C 151 5.85 -43.81 16.09
CA GLN C 151 5.98 -43.47 17.50
C GLN C 151 7.28 -44.06 18.04
N TRP C 152 8.09 -43.21 18.68
CA TRP C 152 9.30 -43.67 19.35
C TRP C 152 8.99 -43.98 20.81
N LYS C 153 9.58 -45.07 21.30
CA LYS C 153 9.44 -45.46 22.69
C LYS C 153 10.81 -45.86 23.23
N VAL C 154 11.22 -45.21 24.30
CA VAL C 154 12.50 -45.49 24.95
C VAL C 154 12.19 -46.07 26.32
N ASP C 155 12.46 -47.37 26.49
CA ASP C 155 12.07 -48.14 27.67
C ASP C 155 10.56 -48.06 27.91
N ASN C 156 9.80 -48.28 26.83
CA ASN C 156 8.34 -48.27 26.81
C ASN C 156 7.75 -46.89 27.13
N ALA C 157 8.57 -45.84 27.12
CA ALA C 157 8.10 -44.48 27.39
C ALA C 157 8.01 -43.71 26.08
N LEU C 158 6.79 -43.30 25.72
CA LEU C 158 6.56 -42.57 24.48
C LEU C 158 7.34 -41.26 24.46
N GLN C 159 7.88 -40.93 23.28
CA GLN C 159 8.68 -39.74 23.09
C GLN C 159 7.85 -38.64 22.45
N SER C 160 8.29 -37.39 22.69
CA SER C 160 7.60 -36.24 22.13
C SER C 160 8.61 -35.10 21.92
N GLY C 161 8.63 -34.56 20.69
CA GLY C 161 9.39 -33.36 20.41
C GLY C 161 10.88 -33.55 20.23
N ASN C 162 11.35 -34.77 20.01
CA ASN C 162 12.78 -35.02 19.81
C ASN C 162 13.02 -35.94 18.61
N SER C 163 12.17 -35.85 17.60
CA SER C 163 12.41 -36.57 16.36
C SER C 163 11.83 -35.78 15.20
N GLN C 164 12.37 -36.02 14.01
CA GLN C 164 11.93 -35.37 12.79
C GLN C 164 11.75 -36.42 11.70
N GLU C 165 10.70 -36.23 10.89
CA GLU C 165 10.39 -37.14 9.79
C GLU C 165 10.77 -36.51 8.46
N SER C 166 11.12 -37.37 7.50
CA SER C 166 11.36 -36.95 6.12
C SER C 166 10.73 -37.98 5.21
N VAL C 167 9.96 -37.51 4.22
CA VAL C 167 9.25 -38.37 3.29
C VAL C 167 9.73 -38.10 1.87
N THR C 168 9.93 -39.17 1.10
CA THR C 168 10.28 -39.05 -0.30
C THR C 168 9.06 -38.65 -1.13
N GLU C 169 9.33 -38.19 -2.35
CA GLU C 169 8.27 -38.05 -3.34
C GLU C 169 7.87 -39.44 -3.85
N GLN C 170 6.69 -39.52 -4.45
CA GLN C 170 6.22 -40.80 -4.96
C GLN C 170 7.20 -41.35 -5.98
N ASP C 171 7.56 -42.61 -5.81
CA ASP C 171 8.54 -43.24 -6.70
C ASP C 171 7.96 -43.33 -8.12
N SER C 172 8.81 -43.06 -9.10
CA SER C 172 8.38 -43.04 -10.49
C SER C 172 8.33 -44.44 -11.11
N LYS C 173 8.73 -45.48 -10.40
CA LYS C 173 8.68 -46.84 -10.91
C LYS C 173 7.59 -47.67 -10.27
N ASP C 174 7.44 -47.64 -8.94
CA ASP C 174 6.46 -48.48 -8.26
C ASP C 174 5.45 -47.68 -7.43
N SER C 175 5.48 -46.35 -7.51
CA SER C 175 4.46 -45.48 -6.93
C SER C 175 4.38 -45.60 -5.40
N THR C 176 5.47 -45.99 -4.76
CA THR C 176 5.50 -46.05 -3.31
C THR C 176 6.18 -44.81 -2.72
N TYR C 177 6.09 -44.69 -1.41
CA TYR C 177 6.75 -43.65 -0.63
C TYR C 177 7.70 -44.29 0.37
N SER C 178 8.65 -43.50 0.85
CA SER C 178 9.54 -43.91 1.91
C SER C 178 9.64 -42.81 2.96
N LEU C 179 9.81 -43.21 4.21
CA LEU C 179 9.83 -42.27 5.31
C LEU C 179 10.94 -42.65 6.27
N SER C 180 11.65 -41.64 6.78
CA SER C 180 12.69 -41.85 7.77
C SER C 180 12.44 -40.93 8.96
N SER C 181 12.51 -41.50 10.17
CA SER C 181 12.34 -40.76 11.41
C SER C 181 13.64 -40.84 12.20
N THR C 182 14.18 -39.69 12.59
CA THR C 182 15.47 -39.61 13.26
C THR C 182 15.25 -39.10 14.70
N LEU C 183 15.47 -39.97 15.66
CA LEU C 183 15.38 -39.62 17.08
C LEU C 183 16.76 -39.15 17.55
N THR C 184 16.84 -37.91 17.99
CA THR C 184 18.11 -37.30 18.38
C THR C 184 18.16 -37.11 19.89
N LEU C 185 19.24 -37.59 20.50
CA LEU C 185 19.45 -37.49 21.94
C LEU C 185 20.91 -37.15 22.20
N SER C 186 21.18 -36.60 23.39
CA SER C 186 22.57 -36.44 23.80
C SER C 186 23.14 -37.79 24.19
N LYS C 187 24.48 -37.86 24.25
CA LYS C 187 25.13 -39.10 24.69
C LYS C 187 24.74 -39.45 26.12
N ALA C 188 24.54 -38.44 26.97
CA ALA C 188 24.16 -38.69 28.35
C ALA C 188 22.77 -39.31 28.44
N ASP C 189 21.81 -38.77 27.70
CA ASP C 189 20.47 -39.37 27.68
C ASP C 189 20.47 -40.70 26.95
N TYR C 190 21.31 -40.86 25.93
CA TYR C 190 21.34 -42.10 25.19
C TYR C 190 21.87 -43.25 26.03
N GLU C 191 22.90 -42.99 26.85
CA GLU C 191 23.44 -44.00 27.73
C GLU C 191 22.59 -44.25 28.96
N LYS C 192 21.62 -43.38 29.24
CA LYS C 192 20.75 -43.54 30.40
C LYS C 192 19.57 -44.49 30.13
N HIS C 193 19.57 -45.20 29.01
CA HIS C 193 18.45 -46.07 28.66
C HIS C 193 18.96 -47.27 27.87
N LYS C 194 18.09 -48.28 27.76
CA LYS C 194 18.49 -49.61 27.28
C LYS C 194 17.89 -49.96 25.93
N VAL C 195 16.57 -49.98 25.79
CA VAL C 195 15.91 -50.45 24.58
C VAL C 195 15.26 -49.25 23.88
N TYR C 196 15.40 -49.22 22.55
CA TYR C 196 14.88 -48.15 21.71
C TYR C 196 13.95 -48.76 20.67
N ALA C 197 12.68 -48.39 20.71
CA ALA C 197 11.64 -49.01 19.90
C ALA C 197 11.06 -47.99 18.92
N CYS C 198 10.70 -48.49 17.74
CA CYS C 198 10.05 -47.70 16.69
C CYS C 198 8.77 -48.43 16.31
N GLU C 199 7.61 -47.85 16.65
CA GLU C 199 6.33 -48.47 16.37
C GLU C 199 5.68 -47.79 15.17
N VAL C 200 5.32 -48.59 14.16
CA VAL C 200 4.82 -48.09 12.88
C VAL C 200 3.37 -48.53 12.71
N THR C 201 2.52 -47.58 12.34
CA THR C 201 1.12 -47.83 12.01
C THR C 201 0.89 -47.45 10.55
N HIS C 202 0.16 -48.29 9.83
CA HIS C 202 -0.09 -48.06 8.41
C HIS C 202 -1.28 -48.91 7.97
N GLN C 203 -2.01 -48.39 6.98
CA GLN C 203 -3.22 -49.06 6.51
C GLN C 203 -2.92 -50.48 6.01
N GLY C 204 -1.69 -50.72 5.55
CA GLY C 204 -1.29 -52.03 5.09
C GLY C 204 -0.84 -52.98 6.16
N LEU C 205 -0.81 -52.56 7.41
CA LEU C 205 -0.38 -53.39 8.53
C LEU C 205 -1.60 -53.79 9.35
N SER C 206 -1.82 -55.10 9.48
CA SER C 206 -2.95 -55.59 10.28
C SER C 206 -2.83 -55.17 11.73
N SER C 207 -1.61 -55.07 12.25
CA SER C 207 -1.32 -54.57 13.59
C SER C 207 -0.03 -53.79 13.54
N PRO C 208 0.17 -52.84 14.46
CA PRO C 208 1.40 -52.05 14.45
C PRO C 208 2.65 -52.92 14.51
N VAL C 209 3.67 -52.51 13.75
CA VAL C 209 4.94 -53.21 13.67
C VAL C 209 5.98 -52.44 14.45
N THR C 210 6.72 -53.15 15.31
CA THR C 210 7.72 -52.56 16.18
C THR C 210 9.08 -53.12 15.83
N LYS C 211 10.05 -52.22 15.61
CA LYS C 211 11.44 -52.60 15.43
C LYS C 211 12.27 -51.99 16.56
N SER C 212 13.05 -52.82 17.24
CA SER C 212 13.75 -52.40 18.44
C SER C 212 15.18 -52.91 18.43
N PHE C 213 15.99 -52.35 19.32
CA PHE C 213 17.35 -52.82 19.56
C PHE C 213 17.74 -52.39 20.96
N ASN C 214 18.76 -53.05 21.50
CA ASN C 214 19.31 -52.73 22.81
C ASN C 214 20.66 -52.05 22.64
N ARG C 215 20.91 -51.03 23.47
CA ARG C 215 22.17 -50.29 23.41
C ARG C 215 23.33 -51.22 23.74
N GLY C 216 24.12 -51.57 22.72
CA GLY C 216 25.25 -52.47 22.91
C GLY C 216 25.50 -53.35 21.70
N VAL D 2 21.83 -28.53 -27.82
CA VAL D 2 22.21 -27.45 -26.92
C VAL D 2 21.95 -27.85 -25.47
N GLN D 3 22.96 -27.67 -24.62
CA GLN D 3 22.89 -27.98 -23.20
C GLN D 3 23.10 -26.69 -22.41
N LEU D 4 22.25 -26.48 -21.40
CA LEU D 4 22.32 -25.28 -20.57
C LEU D 4 22.95 -25.64 -19.23
N GLN D 5 24.10 -25.03 -18.95
CA GLN D 5 24.85 -25.30 -17.73
C GLN D 5 24.79 -24.07 -16.83
N GLN D 6 24.16 -24.21 -15.67
CA GLN D 6 24.03 -23.13 -14.72
C GLN D 6 25.07 -23.26 -13.61
N SER D 7 25.40 -22.12 -13.01
CA SER D 7 26.42 -22.08 -11.98
C SER D 7 25.97 -22.83 -10.72
N GLY D 8 26.91 -22.96 -9.77
CA GLY D 8 26.63 -23.69 -8.56
C GLY D 8 25.80 -22.91 -7.56
N ALA D 9 25.25 -23.66 -6.60
CA ALA D 9 24.40 -23.09 -5.56
C ALA D 9 25.13 -21.99 -4.81
N GLU D 10 24.39 -20.92 -4.49
CA GLU D 10 24.96 -19.74 -3.86
C GLU D 10 24.40 -19.56 -2.46
N LEU D 11 25.29 -19.22 -1.52
CA LEU D 11 24.91 -18.76 -0.19
C LEU D 11 25.24 -17.28 -0.11
N ALA D 12 24.22 -16.46 0.07
CA ALA D 12 24.38 -15.02 0.04
C ALA D 12 23.71 -14.38 1.25
N LYS D 13 24.32 -13.33 1.75
CA LYS D 13 23.82 -12.67 2.93
C LYS D 13 22.64 -11.75 2.61
N PRO D 14 21.73 -11.54 3.56
CA PRO D 14 20.61 -10.63 3.32
C PRO D 14 21.12 -9.25 2.96
N GLY D 15 20.44 -8.61 2.02
CA GLY D 15 20.83 -7.30 1.52
C GLY D 15 21.93 -7.32 0.48
N ALA D 16 22.67 -8.41 0.35
CA ALA D 16 23.73 -8.48 -0.63
C ALA D 16 23.16 -8.74 -2.02
N SER D 17 24.05 -8.92 -2.99
CA SER D 17 23.69 -9.26 -4.36
C SER D 17 24.41 -10.53 -4.78
N VAL D 18 23.73 -11.35 -5.60
CA VAL D 18 24.35 -12.49 -6.25
C VAL D 18 24.21 -12.34 -7.77
N MET D 19 25.13 -12.97 -8.48
CA MET D 19 25.06 -13.07 -9.93
C MET D 19 25.11 -14.55 -10.31
N LEU D 20 24.07 -15.01 -11.00
CA LEU D 20 24.01 -16.37 -11.51
C LEU D 20 24.32 -16.35 -13.00
N SER D 21 24.87 -17.45 -13.50
CA SER D 21 25.26 -17.56 -14.90
C SER D 21 24.66 -18.82 -15.50
N CYS D 22 24.52 -18.80 -16.82
CA CYS D 22 23.94 -19.90 -17.58
C CYS D 22 24.70 -19.99 -18.89
N LYS D 23 25.50 -21.03 -19.04
CA LYS D 23 26.37 -21.20 -20.20
C LYS D 23 25.70 -22.15 -21.20
N ALA D 24 25.45 -21.66 -22.40
CA ALA D 24 24.83 -22.46 -23.45
C ALA D 24 25.91 -23.17 -24.27
N SER D 25 25.63 -24.42 -24.63
CA SER D 25 26.53 -25.20 -25.46
C SER D 25 25.76 -25.95 -26.54
N PHE D 29 24.87 -21.30 -34.44
CA PHE D 29 24.05 -20.51 -33.55
C PHE D 29 23.14 -19.56 -34.34
N ASN D 30 22.16 -18.98 -33.66
CA ASN D 30 21.22 -18.07 -34.28
C ASN D 30 20.64 -17.16 -33.20
N GLY D 31 19.61 -16.39 -33.56
CA GLY D 31 18.95 -15.54 -32.57
C GLY D 31 18.02 -16.35 -31.68
N TYR D 32 18.04 -16.01 -30.39
CA TYR D 32 17.25 -16.71 -29.40
C TYR D 32 17.06 -15.79 -28.20
N TRP D 33 16.30 -16.26 -27.21
CA TRP D 33 16.06 -15.53 -25.98
C TRP D 33 16.38 -16.42 -24.79
N MET D 34 16.95 -15.82 -23.75
CA MET D 34 17.19 -16.48 -22.48
C MET D 34 16.20 -15.91 -21.48
N HIS D 35 15.27 -16.74 -21.03
CA HIS D 35 14.37 -16.36 -19.96
C HIS D 35 14.87 -16.89 -18.63
N TRP D 36 14.48 -16.22 -17.56
CA TRP D 36 14.77 -16.69 -16.22
C TRP D 36 13.47 -16.92 -15.47
N VAL D 37 13.44 -17.95 -14.64
CA VAL D 37 12.25 -18.38 -13.92
C VAL D 37 12.63 -18.69 -12.49
N LYS D 38 11.79 -18.26 -11.55
CA LYS D 38 12.02 -18.45 -10.13
C LYS D 38 11.02 -19.46 -9.58
N GLN D 39 11.51 -20.37 -8.74
CA GLN D 39 10.66 -21.36 -8.11
C GLN D 39 11.09 -21.52 -6.66
N ARG D 40 10.28 -21.02 -5.74
CA ARG D 40 10.56 -21.20 -4.32
C ARG D 40 10.34 -22.66 -3.95
N PRO D 41 11.09 -23.19 -2.96
CA PRO D 41 11.04 -24.62 -2.66
C PRO D 41 9.64 -25.22 -2.58
N GLY D 42 9.28 -26.01 -3.60
CA GLY D 42 7.99 -26.68 -3.65
C GLY D 42 6.81 -25.74 -3.80
N GLN D 43 6.88 -24.80 -4.74
CA GLN D 43 5.82 -23.80 -4.91
C GLN D 43 5.67 -23.51 -6.40
N ASP D 44 5.12 -22.34 -6.71
CA ASP D 44 4.79 -21.95 -8.07
C ASP D 44 6.05 -21.65 -8.88
N LEU D 45 5.87 -21.55 -10.19
CA LEU D 45 6.89 -21.02 -11.08
C LEU D 45 6.58 -19.56 -11.34
N GLU D 46 7.61 -18.71 -11.25
CA GLU D 46 7.47 -17.28 -11.47
C GLU D 46 8.40 -16.86 -12.60
N TRP D 47 7.83 -16.16 -13.58
CA TRP D 47 8.59 -15.68 -14.73
C TRP D 47 9.22 -14.33 -14.39
N ILE D 48 10.53 -14.23 -14.58
CA ILE D 48 11.30 -13.04 -14.20
C ILE D 48 11.49 -12.09 -15.37
N GLY D 49 11.94 -12.62 -16.50
CA GLY D 49 12.20 -11.79 -17.66
C GLY D 49 12.98 -12.56 -18.70
N TYR D 50 13.30 -11.87 -19.79
CA TYR D 50 14.12 -12.46 -20.84
C TYR D 50 15.08 -11.41 -21.38
N ILE D 51 16.15 -11.90 -22.02
CA ILE D 51 17.10 -11.04 -22.71
C ILE D 51 17.34 -11.60 -24.11
N ASN D 52 17.47 -10.70 -25.07
CA ASN D 52 17.89 -11.02 -26.42
C ASN D 52 19.40 -10.80 -26.51
N PRO D 53 20.21 -11.87 -26.45
CA PRO D 53 21.67 -11.68 -26.44
C PRO D 53 22.21 -11.01 -27.69
N THR D 54 21.46 -11.05 -28.81
CA THR D 54 21.91 -10.36 -30.01
C THR D 54 21.88 -8.85 -29.83
N THR D 55 20.73 -8.32 -29.43
CA THR D 55 20.55 -6.87 -29.30
C THR D 55 20.84 -6.34 -27.91
N GLY D 56 20.85 -7.21 -26.89
CA GLY D 56 20.91 -6.77 -25.52
C GLY D 56 19.58 -6.37 -24.92
N HIS D 57 18.49 -6.47 -25.67
CA HIS D 57 17.19 -6.02 -25.20
C HIS D 57 16.67 -6.91 -24.09
N THR D 58 16.01 -6.30 -23.09
CA THR D 58 15.45 -7.03 -21.96
C THR D 58 13.99 -6.65 -21.76
N GLU D 59 13.25 -7.57 -21.15
CA GLU D 59 11.88 -7.33 -20.70
C GLU D 59 11.72 -8.01 -19.35
N TYR D 60 11.02 -7.33 -18.44
CA TYR D 60 10.91 -7.81 -17.06
C TYR D 60 9.46 -7.93 -16.65
N ASN D 61 9.16 -9.01 -15.92
CA ASN D 61 7.98 -9.00 -15.06
C ASN D 61 8.12 -7.86 -14.07
N GLN D 62 7.14 -6.93 -14.07
CA GLN D 62 7.27 -5.72 -13.26
C GLN D 62 7.41 -6.02 -11.77
N LYS D 63 7.05 -7.22 -11.32
CA LYS D 63 7.30 -7.58 -9.93
C LYS D 63 8.79 -7.71 -9.64
N PHE D 64 9.61 -7.93 -10.66
CA PHE D 64 11.05 -8.09 -10.49
C PHE D 64 11.85 -6.94 -11.07
N LYS D 65 11.20 -5.82 -11.44
CA LYS D 65 11.91 -4.70 -12.04
C LYS D 65 13.04 -4.20 -11.16
N ASP D 66 12.81 -4.12 -9.86
CA ASP D 66 13.82 -3.63 -8.94
C ASP D 66 14.70 -4.73 -8.35
N LYS D 67 14.38 -6.00 -8.61
CA LYS D 67 15.08 -7.12 -8.01
C LYS D 67 16.12 -7.74 -8.93
N ALA D 68 15.82 -7.88 -10.22
CA ALA D 68 16.66 -8.64 -11.14
C ALA D 68 17.20 -7.74 -12.25
N THR D 69 18.38 -8.11 -12.75
CA THR D 69 18.99 -7.47 -13.91
C THR D 69 19.59 -8.54 -14.79
N LEU D 70 19.18 -8.57 -16.07
CA LEU D 70 19.62 -9.61 -17.00
C LEU D 70 20.65 -9.04 -17.97
N THR D 71 21.80 -9.71 -18.06
CA THR D 71 22.84 -9.38 -19.02
C THR D 71 23.28 -10.64 -19.75
N ALA D 72 24.09 -10.47 -20.78
CA ALA D 72 24.51 -11.61 -21.61
C ALA D 72 25.74 -11.22 -22.42
N ASP D 73 26.66 -12.16 -22.57
CA ASP D 73 27.86 -12.00 -23.38
C ASP D 73 27.84 -13.03 -24.50
N GLU D 74 27.72 -12.56 -25.74
CA GLU D 74 27.71 -13.47 -26.88
C GLU D 74 29.03 -14.21 -27.04
N SER D 75 30.13 -13.66 -26.53
CA SER D 75 31.44 -14.24 -26.73
C SER D 75 31.52 -15.67 -26.19
N SER D 76 31.03 -15.88 -24.96
CA SER D 76 31.02 -17.19 -24.34
C SER D 76 29.61 -17.78 -24.24
N ASN D 77 28.62 -17.12 -24.84
CA ASN D 77 27.24 -17.60 -24.87
C ASN D 77 26.71 -17.87 -23.46
N THR D 78 27.06 -16.98 -22.53
CA THR D 78 26.59 -17.05 -21.16
C THR D 78 25.56 -15.97 -20.91
N ALA D 79 24.48 -16.34 -20.21
CA ALA D 79 23.47 -15.40 -19.75
C ALA D 79 23.65 -15.18 -18.25
N TYR D 80 23.45 -13.94 -17.81
CA TYR D 80 23.63 -13.59 -16.41
C TYR D 80 22.35 -12.97 -15.85
N ILE D 81 22.11 -13.20 -14.56
CA ILE D 81 21.06 -12.52 -13.80
C ILE D 81 21.66 -12.03 -12.50
N GLU D 82 21.36 -10.78 -12.15
CA GLU D 82 21.82 -10.17 -10.91
C GLU D 82 20.62 -9.96 -9.99
N LEU D 83 20.65 -10.62 -8.83
CA LEU D 83 19.66 -10.42 -7.79
C LEU D 83 20.25 -9.50 -6.75
N SER D 84 19.57 -8.40 -6.44
CA SER D 84 20.09 -7.40 -5.53
C SER D 84 19.15 -7.25 -4.32
N SER D 85 19.69 -6.65 -3.26
CA SER D 85 18.98 -6.43 -2.00
C SER D 85 18.26 -7.70 -1.55
N LEU D 86 19.05 -8.74 -1.32
CA LEU D 86 18.49 -10.07 -1.11
C LEU D 86 17.74 -10.16 0.21
N THR D 87 16.59 -10.82 0.17
CA THR D 87 15.78 -11.13 1.35
C THR D 87 15.52 -12.62 1.37
N SER D 88 14.88 -13.08 2.45
CA SER D 88 14.52 -14.49 2.55
C SER D 88 13.60 -14.92 1.42
N ASP D 89 12.75 -14.00 0.95
CA ASP D 89 11.83 -14.33 -0.12
C ASP D 89 12.55 -14.66 -1.43
N ASP D 90 13.83 -14.30 -1.56
CA ASP D 90 14.61 -14.60 -2.74
C ASP D 90 15.28 -15.97 -2.70
N SER D 91 15.25 -16.66 -1.57
CA SER D 91 15.76 -18.02 -1.49
C SER D 91 14.90 -18.92 -2.37
N ALA D 92 15.48 -19.47 -3.43
CA ALA D 92 14.71 -20.21 -4.43
C ALA D 92 15.67 -20.86 -5.42
N VAL D 93 15.12 -21.73 -6.25
CA VAL D 93 15.84 -22.25 -7.41
C VAL D 93 15.56 -21.34 -8.58
N TYR D 94 16.62 -20.86 -9.23
CA TYR D 94 16.48 -19.99 -10.40
C TYR D 94 16.88 -20.78 -11.64
N TYR D 95 15.98 -20.86 -12.60
CA TYR D 95 16.18 -21.57 -13.85
C TYR D 95 16.38 -20.60 -14.99
N CYS D 96 17.26 -20.97 -15.93
CA CYS D 96 17.30 -20.30 -17.21
CA CYS D 96 17.34 -20.31 -17.23
C CYS D 96 16.69 -21.23 -18.26
N ALA D 97 15.90 -20.65 -19.15
CA ALA D 97 15.21 -21.39 -20.18
C ALA D 97 15.37 -20.67 -21.50
N ARG D 98 15.55 -21.44 -22.57
CA ARG D 98 15.85 -20.91 -23.88
C ARG D 98 14.62 -20.95 -24.78
N GLN D 99 14.35 -19.85 -25.46
CA GLN D 99 13.26 -19.75 -26.42
C GLN D 99 13.86 -19.50 -27.79
N GLU D 100 13.62 -20.42 -28.72
CA GLU D 100 14.17 -20.29 -30.07
C GLU D 100 13.32 -19.34 -30.90
N TYR D 101 13.95 -18.78 -31.93
CA TYR D 101 13.23 -17.95 -32.88
C TYR D 101 12.10 -18.76 -33.51
N ARG D 102 10.91 -18.13 -33.59
CA ARG D 102 9.65 -18.69 -34.08
C ARG D 102 8.94 -19.52 -33.00
N HIS D 103 9.68 -19.99 -31.99
CA HIS D 103 9.05 -20.73 -30.91
C HIS D 103 8.35 -19.79 -29.93
N SER D 104 7.33 -20.30 -29.27
CA SER D 104 6.62 -19.59 -28.22
C SER D 104 6.57 -20.44 -26.96
N TRP D 105 7.65 -21.15 -26.70
CA TRP D 105 7.74 -22.09 -25.57
C TRP D 105 9.22 -22.23 -25.22
N PHE D 106 9.49 -23.00 -24.19
CA PHE D 106 10.85 -23.27 -23.75
C PHE D 106 11.29 -24.63 -24.28
N ALA D 107 12.32 -24.63 -25.13
CA ALA D 107 12.83 -25.89 -25.67
C ALA D 107 13.79 -26.57 -24.71
N TYR D 108 14.55 -25.78 -23.94
CA TYR D 108 15.53 -26.34 -23.02
C TYR D 108 15.53 -25.54 -21.73
N TRP D 109 15.81 -26.22 -20.62
CA TRP D 109 15.99 -25.59 -19.33
C TRP D 109 17.35 -25.96 -18.77
N GLY D 110 17.95 -25.04 -18.02
CA GLY D 110 19.07 -25.40 -17.19
C GLY D 110 18.65 -26.26 -16.02
N GLN D 111 19.64 -26.80 -15.30
CA GLN D 111 19.34 -27.65 -14.15
C GLN D 111 18.85 -26.86 -12.95
N GLY D 112 19.06 -25.54 -12.94
CA GLY D 112 18.60 -24.72 -11.84
C GLY D 112 19.70 -24.39 -10.86
N THR D 113 19.70 -23.15 -10.37
CA THR D 113 20.63 -22.70 -9.35
C THR D 113 19.84 -22.41 -8.08
N LEU D 114 20.22 -23.06 -6.98
CA LEU D 114 19.59 -22.84 -5.68
C LEU D 114 20.32 -21.70 -4.97
N VAL D 115 19.57 -20.64 -4.64
CA VAL D 115 20.11 -19.51 -3.90
C VAL D 115 19.55 -19.55 -2.49
N THR D 116 20.43 -19.51 -1.50
CA THR D 116 20.06 -19.44 -0.10
C THR D 116 20.47 -18.08 0.44
N VAL D 117 19.51 -17.33 0.96
CA VAL D 117 19.78 -16.04 1.58
C VAL D 117 19.78 -16.25 3.09
N SER D 118 20.95 -16.12 3.70
CA SER D 118 21.09 -16.37 5.13
C SER D 118 22.39 -15.73 5.60
N ALA D 119 22.40 -15.32 6.87
CA ALA D 119 23.62 -14.82 7.49
C ALA D 119 24.51 -15.94 8.01
N ALA D 120 24.01 -17.17 8.09
CA ALA D 120 24.79 -18.27 8.64
C ALA D 120 25.96 -18.60 7.73
N SER D 121 27.02 -19.15 8.34
CA SER D 121 28.22 -19.47 7.58
C SER D 121 28.16 -20.89 7.04
N THR D 122 28.96 -21.14 6.01
CA THR D 122 29.06 -22.46 5.43
C THR D 122 29.64 -23.45 6.44
N LYS D 123 29.04 -24.63 6.52
CA LYS D 123 29.57 -25.72 7.31
C LYS D 123 29.39 -27.03 6.57
N GLY D 124 30.46 -27.82 6.49
CA GLY D 124 30.43 -29.09 5.82
C GLY D 124 29.83 -30.19 6.68
N PRO D 125 29.32 -31.23 6.02
CA PRO D 125 28.59 -32.28 6.74
C PRO D 125 29.50 -33.26 7.44
N SER D 126 28.96 -33.88 8.48
CA SER D 126 29.52 -35.07 9.10
C SER D 126 28.73 -36.27 8.60
N VAL D 127 29.43 -37.28 8.10
CA VAL D 127 28.82 -38.45 7.48
C VAL D 127 29.04 -39.65 8.40
N PHE D 128 27.94 -40.28 8.82
CA PHE D 128 27.97 -41.45 9.68
C PHE D 128 27.27 -42.62 9.01
N PRO D 129 27.81 -43.83 9.13
CA PRO D 129 27.15 -44.99 8.50
C PRO D 129 25.92 -45.40 9.27
N LEU D 130 24.96 -45.96 8.55
CA LEU D 130 23.77 -46.58 9.14
C LEU D 130 23.96 -48.09 8.99
N ALA D 131 24.28 -48.74 10.10
CA ALA D 131 24.72 -50.13 10.06
C ALA D 131 23.54 -51.07 9.88
N PRO D 132 23.53 -51.92 8.83
CA PRO D 132 22.49 -52.92 8.57
C PRO D 132 22.42 -53.97 9.67
N THR D 141 16.16 -59.30 2.25
CA THR D 141 16.51 -57.95 1.81
C THR D 141 16.94 -57.09 2.99
N ALA D 142 18.20 -56.69 2.99
CA ALA D 142 18.77 -55.84 4.03
C ALA D 142 18.77 -54.38 3.60
N ALA D 143 18.99 -53.50 4.58
CA ALA D 143 19.01 -52.06 4.33
C ALA D 143 20.18 -51.43 5.06
N LEU D 144 20.89 -50.56 4.37
CA LEU D 144 21.99 -49.79 4.94
C LEU D 144 21.90 -48.36 4.42
N GLY D 145 22.80 -47.50 4.88
CA GLY D 145 22.80 -46.13 4.40
C GLY D 145 23.79 -45.27 5.14
N CYS D 146 23.68 -43.96 4.87
CA CYS D 146 24.56 -42.96 5.43
C CYS D 146 23.72 -41.85 6.06
N LEU D 147 24.24 -41.26 7.13
CA LEU D 147 23.60 -40.16 7.84
C LEU D 147 24.46 -38.91 7.63
N VAL D 148 23.96 -38.00 6.81
CA VAL D 148 24.69 -36.77 6.45
C VAL D 148 24.15 -35.66 7.34
N LYS D 149 24.92 -35.29 8.36
CA LYS D 149 24.40 -34.48 9.46
C LYS D 149 25.15 -33.17 9.61
N ASP D 150 24.40 -32.12 9.94
CA ASP D 150 24.93 -30.82 10.38
C ASP D 150 25.69 -30.08 9.29
N TYR D 151 25.03 -29.77 8.18
CA TYR D 151 25.66 -29.00 7.11
C TYR D 151 24.82 -27.78 6.77
N PHE D 152 25.46 -26.83 6.09
CA PHE D 152 24.82 -25.61 5.64
C PHE D 152 25.67 -24.95 4.55
N PRO D 153 25.04 -24.50 3.45
CA PRO D 153 23.62 -24.64 3.18
C PRO D 153 23.32 -25.88 2.35
N GLU D 154 22.11 -25.94 1.80
CA GLU D 154 21.77 -26.92 0.78
C GLU D 154 22.51 -26.56 -0.51
N PRO D 155 22.69 -27.54 -1.42
CA PRO D 155 22.29 -28.95 -1.31
C PRO D 155 23.47 -29.88 -1.04
N VAL D 156 23.13 -31.12 -0.71
CA VAL D 156 24.10 -32.20 -0.59
C VAL D 156 23.75 -33.25 -1.62
N THR D 157 24.77 -33.79 -2.29
CA THR D 157 24.59 -34.84 -3.28
C THR D 157 25.10 -36.16 -2.74
N VAL D 158 24.34 -37.23 -2.94
CA VAL D 158 24.71 -38.56 -2.47
C VAL D 158 24.57 -39.55 -3.61
N SER D 159 25.64 -40.30 -3.89
CA SER D 159 25.61 -41.45 -4.77
C SER D 159 26.16 -42.65 -4.00
N TRP D 160 26.00 -43.83 -4.60
CA TRP D 160 26.44 -45.06 -3.97
C TRP D 160 27.36 -45.83 -4.91
N ASN D 161 28.52 -46.23 -4.40
CA ASN D 161 29.54 -46.97 -5.16
C ASN D 161 29.89 -46.23 -6.46
N SER D 162 30.27 -44.95 -6.30
CA SER D 162 30.65 -44.09 -7.42
C SER D 162 29.54 -44.02 -8.47
N GLY D 163 28.29 -44.09 -8.02
CA GLY D 163 27.15 -44.00 -8.91
C GLY D 163 26.75 -45.29 -9.59
N ALA D 164 27.39 -46.42 -9.24
CA ALA D 164 27.05 -47.69 -9.87
C ALA D 164 25.79 -48.29 -9.27
N LEU D 165 25.46 -47.94 -8.03
CA LEU D 165 24.29 -48.47 -7.34
C LEU D 165 23.21 -47.39 -7.30
N THR D 166 22.24 -47.49 -8.21
CA THR D 166 21.11 -46.58 -8.23
C THR D 166 19.78 -47.29 -7.98
N SER D 167 19.75 -48.61 -7.89
CA SER D 167 18.52 -49.35 -7.65
C SER D 167 18.25 -49.48 -6.16
N GLY D 168 17.04 -49.16 -5.75
CA GLY D 168 16.67 -49.25 -4.35
C GLY D 168 17.23 -48.17 -3.46
N VAL D 169 17.80 -47.10 -4.03
CA VAL D 169 18.35 -46.01 -3.24
C VAL D 169 17.25 -45.00 -2.92
N HIS D 170 17.32 -44.45 -1.72
CA HIS D 170 16.41 -43.38 -1.30
C HIS D 170 17.25 -42.34 -0.57
N THR D 171 17.36 -41.15 -1.13
CA THR D 171 18.05 -40.04 -0.48
C THR D 171 16.98 -39.05 -0.04
N PHE D 172 16.75 -38.97 1.26
CA PHE D 172 15.61 -38.23 1.77
C PHE D 172 15.82 -36.72 1.70
N PRO D 173 14.73 -35.96 1.61
CA PRO D 173 14.87 -34.50 1.71
C PRO D 173 15.48 -34.11 3.03
N ALA D 174 16.30 -33.06 3.00
CA ALA D 174 16.92 -32.54 4.20
C ALA D 174 15.87 -31.97 5.14
N VAL D 175 16.13 -32.08 6.44
CA VAL D 175 15.33 -31.42 7.45
C VAL D 175 16.23 -30.44 8.19
N LEU D 176 15.66 -29.29 8.54
CA LEU D 176 16.40 -28.28 9.28
C LEU D 176 16.33 -28.61 10.76
N GLN D 177 17.48 -28.76 11.39
CA GLN D 177 17.51 -29.10 12.80
C GLN D 177 17.39 -27.86 13.66
N SER D 178 17.16 -28.07 14.96
CA SER D 178 17.04 -26.97 15.89
C SER D 178 18.30 -26.11 15.93
N SER D 179 19.45 -26.65 15.52
CA SER D 179 20.69 -25.88 15.49
C SER D 179 20.79 -24.94 14.29
N GLY D 180 19.83 -25.00 13.36
CA GLY D 180 19.94 -24.26 12.12
C GLY D 180 20.71 -24.98 11.03
N LEU D 181 21.18 -26.19 11.27
CA LEU D 181 21.92 -26.96 10.28
C LEU D 181 21.03 -28.04 9.69
N TYR D 182 21.33 -28.44 8.45
CA TYR D 182 20.55 -29.45 7.76
C TYR D 182 21.07 -30.84 8.08
N SER D 183 20.27 -31.84 7.72
CA SER D 183 20.58 -33.23 8.01
C SER D 183 19.70 -34.10 7.14
N LEU D 184 20.29 -35.14 6.56
CA LEU D 184 19.53 -36.07 5.73
C LEU D 184 20.10 -37.47 5.88
N SER D 185 19.30 -38.44 5.47
CA SER D 185 19.73 -39.82 5.35
C SER D 185 19.61 -40.26 3.90
N SER D 186 20.49 -41.17 3.50
CA SER D 186 20.42 -41.81 2.19
C SER D 186 20.55 -43.31 2.42
N VAL D 187 19.50 -44.06 2.13
CA VAL D 187 19.46 -45.49 2.41
C VAL D 187 19.29 -46.24 1.10
N VAL D 188 19.62 -47.53 1.14
CA VAL D 188 19.46 -48.42 0.00
C VAL D 188 19.17 -49.82 0.53
N THR D 189 18.36 -50.57 -0.22
CA THR D 189 18.08 -51.96 0.10
C THR D 189 18.92 -52.86 -0.79
N VAL D 190 19.66 -53.77 -0.16
CA VAL D 190 20.56 -54.67 -0.87
C VAL D 190 20.21 -56.11 -0.50
N PRO D 191 20.48 -57.09 -1.36
CA PRO D 191 20.27 -58.49 -0.98
C PRO D 191 21.09 -58.83 0.25
N SER D 192 20.43 -59.44 1.25
CA SER D 192 21.11 -59.77 2.50
C SER D 192 22.28 -60.72 2.27
N SER D 193 22.21 -61.55 1.22
CA SER D 193 23.26 -62.51 0.92
C SER D 193 24.42 -61.91 0.13
N SER D 194 24.31 -60.65 -0.28
CA SER D 194 25.41 -59.95 -0.95
C SER D 194 26.23 -59.11 0.01
N LEU D 195 25.97 -59.21 1.32
CA LEU D 195 26.66 -58.35 2.28
C LEU D 195 28.13 -58.69 2.40
N GLY D 196 28.46 -59.99 2.43
CA GLY D 196 29.85 -60.37 2.55
C GLY D 196 30.67 -60.01 1.32
N THR D 197 30.07 -60.12 0.14
CA THR D 197 30.84 -60.00 -1.10
C THR D 197 31.09 -58.55 -1.49
N GLN D 198 30.10 -57.68 -1.33
CA GLN D 198 30.14 -56.33 -1.90
C GLN D 198 30.33 -55.27 -0.81
N THR D 199 31.13 -54.27 -1.13
CA THR D 199 31.35 -53.12 -0.25
C THR D 199 30.49 -51.96 -0.72
N TYR D 200 29.62 -51.46 0.16
CA TYR D 200 28.71 -50.36 -0.14
C TYR D 200 29.26 -49.08 0.48
N ILE D 201 29.64 -48.13 -0.37
CA ILE D 201 30.19 -46.86 0.05
C ILE D 201 29.34 -45.74 -0.55
N CYS D 202 29.02 -44.74 0.26
CA CYS D 202 28.27 -43.57 -0.21
C CYS D 202 29.24 -42.42 -0.45
N ASN D 203 28.96 -41.64 -1.50
CA ASN D 203 29.82 -40.55 -1.94
C ASN D 203 29.12 -39.22 -1.66
N VAL D 204 29.37 -38.66 -0.48
CA VAL D 204 28.74 -37.42 -0.05
C VAL D 204 29.54 -36.24 -0.61
N ASN D 205 28.86 -35.38 -1.36
CA ASN D 205 29.48 -34.19 -1.94
C ASN D 205 28.67 -32.97 -1.54
N HIS D 206 29.33 -31.98 -0.95
CA HIS D 206 28.72 -30.72 -0.51
C HIS D 206 29.55 -29.58 -1.10
N LYS D 207 29.18 -29.16 -2.31
CA LYS D 207 29.97 -28.17 -3.02
C LYS D 207 30.15 -26.84 -2.28
N PRO D 208 29.15 -26.27 -1.60
CA PRO D 208 29.39 -24.98 -0.92
C PRO D 208 30.55 -25.00 0.06
N SER D 209 30.80 -26.12 0.75
CA SER D 209 31.96 -26.24 1.60
C SER D 209 33.11 -26.99 0.92
N ASN D 210 32.89 -27.51 -0.29
CA ASN D 210 33.90 -28.25 -1.05
C ASN D 210 34.47 -29.41 -0.22
N THR D 211 33.57 -30.17 0.40
CA THR D 211 33.96 -31.32 1.21
C THR D 211 33.33 -32.57 0.61
N LYS D 212 34.17 -33.49 0.15
CA LYS D 212 33.73 -34.79 -0.36
C LYS D 212 34.14 -35.85 0.65
N VAL D 213 33.15 -36.59 1.16
CA VAL D 213 33.38 -37.63 2.16
C VAL D 213 32.91 -38.97 1.59
N ASP D 214 33.71 -40.01 1.81
CA ASP D 214 33.36 -41.37 1.44
C ASP D 214 33.26 -42.21 2.70
N LYS D 215 32.13 -42.90 2.86
CA LYS D 215 31.91 -43.73 4.04
C LYS D 215 31.28 -45.06 3.61
N LYS D 216 31.79 -46.14 4.19
CA LYS D 216 31.31 -47.49 3.90
C LYS D 216 30.39 -47.94 5.02
N ALA D 217 29.20 -48.41 4.65
CA ALA D 217 28.21 -48.89 5.61
C ALA D 217 28.35 -50.41 5.73
N GLU D 218 29.06 -50.86 6.75
CA GLU D 218 29.33 -52.27 6.99
C GLU D 218 28.84 -52.67 8.39
N PRO D 219 28.46 -53.95 8.57
CA PRO D 219 28.02 -54.45 9.88
C PRO D 219 29.10 -54.33 10.96
N ASP E 1 -6.19 33.31 -28.77
CA ASP E 1 -6.47 32.85 -27.41
C ASP E 1 -7.69 31.95 -27.40
N ILE E 2 -7.64 30.91 -26.59
CA ILE E 2 -8.80 30.02 -26.43
C ILE E 2 -9.85 30.77 -25.60
N VAL E 3 -11.04 30.90 -26.16
CA VAL E 3 -12.17 31.49 -25.46
C VAL E 3 -13.00 30.38 -24.87
N LEU E 4 -13.35 30.50 -23.60
CA LEU E 4 -14.22 29.55 -22.91
C LEU E 4 -15.59 30.17 -22.71
N THR E 5 -16.63 29.48 -23.16
CA THR E 5 -18.00 29.96 -23.08
C THR E 5 -18.77 29.08 -22.09
N GLN E 6 -19.02 29.62 -20.90
CA GLN E 6 -19.78 28.90 -19.88
C GLN E 6 -21.26 29.14 -20.05
N SER E 7 -22.04 28.10 -19.81
CA SER E 7 -23.49 28.22 -19.78
C SER E 7 -24.04 27.24 -18.75
N PRO E 8 -25.12 27.64 -18.05
CA PRO E 8 -25.70 28.97 -18.13
C PRO E 8 -24.94 29.97 -17.26
N ALA E 9 -25.21 31.27 -17.42
CA ALA E 9 -24.53 32.26 -16.60
C ALA E 9 -24.98 32.22 -15.15
N SER E 10 -26.21 31.78 -14.91
CA SER E 10 -26.78 31.66 -13.57
C SER E 10 -27.78 30.52 -13.58
N LEU E 11 -27.83 29.76 -12.50
CA LEU E 11 -28.85 28.72 -12.41
C LEU E 11 -29.20 28.47 -10.95
N ALA E 12 -30.45 28.09 -10.74
CA ALA E 12 -30.98 27.76 -9.43
C ALA E 12 -31.30 26.28 -9.40
N VAL E 13 -30.79 25.58 -8.38
CA VAL E 13 -30.99 24.15 -8.23
C VAL E 13 -31.56 23.90 -6.84
N SER E 14 -32.51 22.99 -6.74
CA SER E 14 -33.09 22.69 -5.44
C SER E 14 -32.22 21.69 -4.68
N LEU E 15 -32.32 21.75 -3.36
CA LEU E 15 -31.54 20.90 -2.48
C LEU E 15 -31.71 19.42 -2.86
N GLY E 16 -30.60 18.70 -2.94
CA GLY E 16 -30.63 17.29 -3.23
C GLY E 16 -30.75 16.90 -4.69
N GLN E 17 -30.70 17.86 -5.61
CA GLN E 17 -30.85 17.55 -7.02
C GLN E 17 -29.58 17.92 -7.79
N ARG E 18 -29.64 17.80 -9.10
CA ARG E 18 -28.45 17.86 -9.95
C ARG E 18 -28.27 19.25 -10.56
N ALA E 19 -27.06 19.79 -10.43
CA ALA E 19 -26.65 20.98 -11.15
C ALA E 19 -25.70 20.59 -12.27
N THR E 20 -25.88 21.20 -13.44
CA THR E 20 -25.08 20.90 -14.61
C THR E 20 -24.60 22.20 -15.24
N ILE E 21 -23.29 22.33 -15.37
CA ILE E 21 -22.66 23.52 -15.95
C ILE E 21 -21.82 23.06 -17.13
N SER E 22 -21.90 23.81 -18.23
CA SER E 22 -21.19 23.47 -19.44
C SER E 22 -20.11 24.50 -19.74
N CYS E 23 -19.03 24.04 -20.34
CA CYS E 23 -17.95 24.88 -20.81
C CYS E 23 -17.64 24.46 -22.24
N LYS E 24 -17.75 25.40 -23.17
CA LYS E 24 -17.39 25.17 -24.57
C LYS E 24 -16.16 26.00 -24.92
N ALA E 25 -15.16 25.34 -25.50
CA ALA E 25 -13.91 25.98 -25.87
C ALA E 25 -13.88 26.25 -27.38
N SER E 26 -13.34 27.41 -27.75
CA SER E 26 -13.28 27.79 -29.16
C SER E 26 -12.33 26.89 -29.96
N GLN E 27 -11.40 26.22 -29.30
CA GLN E 27 -10.56 25.22 -29.96
C GLN E 27 -10.20 24.15 -28.94
N SER E 28 -9.69 23.04 -29.44
CA SER E 28 -9.47 21.86 -28.59
C SER E 28 -8.47 22.16 -27.49
N VAL E 29 -8.77 21.69 -26.28
CA VAL E 29 -7.82 21.75 -25.17
C VAL E 29 -7.15 20.41 -24.92
N ASP E 30 -7.31 19.46 -25.84
CA ASP E 30 -6.64 18.17 -25.75
C ASP E 30 -5.26 18.26 -26.40
N TYR E 31 -4.31 17.52 -25.84
CA TYR E 31 -2.94 17.52 -26.34
C TYR E 31 -2.28 16.23 -25.89
N ASP E 32 -1.85 15.40 -26.86
CA ASP E 32 -1.11 14.18 -26.58
C ASP E 32 -1.88 13.26 -25.62
N GLY E 33 -3.17 13.09 -25.88
CA GLY E 33 -4.01 12.21 -25.10
C GLY E 33 -4.50 12.79 -23.78
N ASP E 34 -3.91 13.86 -23.30
CA ASP E 34 -4.34 14.49 -22.06
C ASP E 34 -5.26 15.67 -22.35
N THR E 35 -6.11 16.00 -21.38
CA THR E 35 -7.09 17.06 -21.51
C THR E 35 -6.79 18.14 -20.48
N TYR E 36 -6.57 19.36 -20.95
CA TYR E 36 -6.09 20.47 -20.11
C TYR E 36 -7.25 21.42 -19.81
N MET E 37 -8.13 20.97 -18.91
CA MET E 37 -9.33 21.70 -18.52
C MET E 37 -9.57 21.47 -17.03
N ASN E 38 -9.85 22.54 -16.30
CA ASN E 38 -10.05 22.49 -14.85
C ASN E 38 -11.32 23.24 -14.48
N TRP E 39 -11.86 22.90 -13.31
CA TRP E 39 -13.03 23.57 -12.74
C TRP E 39 -12.70 24.07 -11.34
N TYR E 40 -13.06 25.32 -11.07
CA TYR E 40 -12.92 25.94 -9.76
C TYR E 40 -14.28 26.47 -9.33
N HIS E 41 -14.43 26.72 -8.03
CA HIS E 41 -15.53 27.55 -7.56
C HIS E 41 -15.00 28.57 -6.56
N GLN E 42 -15.81 29.60 -6.34
CA GLN E 42 -15.43 30.70 -5.44
C GLN E 42 -16.65 31.10 -4.63
N LYS E 43 -16.52 31.08 -3.34
CA LYS E 43 -17.51 31.53 -2.39
C LYS E 43 -17.22 32.97 -1.99
N PRO E 44 -18.24 33.72 -1.57
CA PRO E 44 -18.03 35.15 -1.31
C PRO E 44 -16.95 35.39 -0.27
N GLY E 45 -16.02 36.29 -0.61
CA GLY E 45 -14.93 36.63 0.28
C GLY E 45 -13.84 35.60 0.39
N GLN E 46 -13.66 34.76 -0.62
CA GLN E 46 -12.71 33.67 -0.57
C GLN E 46 -12.02 33.54 -1.92
N PRO E 47 -10.81 32.99 -1.95
CA PRO E 47 -10.15 32.71 -3.22
C PRO E 47 -10.80 31.53 -3.91
N PRO E 48 -10.64 31.40 -5.22
CA PRO E 48 -11.12 30.19 -5.91
C PRO E 48 -10.51 28.93 -5.32
N LYS E 49 -11.19 27.82 -5.58
CA LYS E 49 -10.74 26.53 -5.07
C LYS E 49 -10.87 25.51 -6.19
N LEU E 50 -9.82 24.71 -6.39
CA LEU E 50 -9.84 23.65 -7.39
C LEU E 50 -10.84 22.58 -7.01
N LEU E 51 -11.73 22.23 -7.95
CA LEU E 51 -12.67 21.12 -7.79
C LEU E 51 -12.29 19.92 -8.62
N ILE E 52 -12.11 20.13 -9.93
CA ILE E 52 -11.85 19.07 -10.90
C ILE E 52 -10.66 19.51 -11.74
N TYR E 53 -9.67 18.63 -11.88
CA TYR E 53 -8.54 18.91 -12.74
C TYR E 53 -8.48 17.90 -13.87
N ALA E 54 -7.90 18.32 -14.99
CA ALA E 54 -7.80 17.51 -16.20
C ALA E 54 -9.16 16.89 -16.55
N ALA E 55 -10.19 17.74 -16.57
CA ALA E 55 -11.54 17.43 -17.03
C ALA E 55 -12.35 16.57 -16.07
N SER E 56 -11.73 15.55 -15.45
CA SER E 56 -12.53 14.52 -14.81
C SER E 56 -11.97 14.00 -13.49
N ASN E 57 -10.91 14.59 -12.96
CA ASN E 57 -10.29 14.09 -11.73
C ASN E 57 -10.74 14.93 -10.55
N LEU E 58 -11.26 14.26 -9.53
CA LEU E 58 -11.65 14.92 -8.30
C LEU E 58 -10.42 15.28 -7.48
N ASP E 59 -10.31 16.54 -7.07
CA ASP E 59 -9.18 16.94 -6.25
C ASP E 59 -9.36 16.50 -4.80
N SER E 60 -8.24 16.34 -4.11
CA SER E 60 -8.26 15.99 -2.71
C SER E 60 -9.04 17.01 -1.89
N GLY E 61 -9.83 16.50 -0.93
CA GLY E 61 -10.62 17.35 -0.06
C GLY E 61 -11.92 17.85 -0.65
N ILE E 62 -12.26 17.45 -1.88
CA ILE E 62 -13.49 17.87 -2.53
C ILE E 62 -14.50 16.73 -2.44
N PRO E 63 -15.74 16.99 -2.04
CA PRO E 63 -16.73 15.89 -1.92
C PRO E 63 -16.99 15.25 -3.27
N ALA E 64 -17.23 13.93 -3.25
CA ALA E 64 -17.42 13.17 -4.48
C ALA E 64 -18.71 13.53 -5.21
N ARG E 65 -19.55 14.40 -4.63
CA ARG E 65 -20.73 14.83 -5.38
CA ARG E 65 -20.74 14.90 -5.33
C ARG E 65 -20.38 15.71 -6.57
N PHE E 66 -19.14 16.21 -6.66
CA PHE E 66 -18.68 16.93 -7.84
C PHE E 66 -18.06 15.94 -8.82
N SER E 67 -18.35 16.13 -10.10
CA SER E 67 -17.76 15.27 -11.12
C SER E 67 -17.65 16.05 -12.41
N GLY E 68 -16.67 15.68 -13.23
CA GLY E 68 -16.48 16.33 -14.51
C GLY E 68 -16.36 15.31 -15.61
N SER E 69 -16.79 15.72 -16.81
CA SER E 69 -16.66 14.87 -17.98
C SER E 69 -16.42 15.76 -19.20
N GLY E 70 -16.09 15.13 -20.31
CA GLY E 70 -15.92 15.84 -21.55
C GLY E 70 -14.51 15.75 -22.11
N SER E 71 -14.37 16.01 -23.41
CA SER E 71 -13.07 16.06 -24.06
C SER E 71 -13.18 17.00 -25.25
N GLY E 72 -12.02 17.36 -25.80
CA GLY E 72 -11.96 18.23 -26.96
C GLY E 72 -12.37 19.66 -26.66
N THR E 73 -13.63 20.01 -26.96
CA THR E 73 -14.11 21.36 -26.74
C THR E 73 -15.32 21.45 -25.83
N ASP E 74 -15.95 20.33 -25.47
CA ASP E 74 -17.19 20.35 -24.69
C ASP E 74 -16.97 19.66 -23.36
N PHE E 75 -17.22 20.38 -22.28
CA PHE E 75 -16.94 19.90 -20.93
C PHE E 75 -18.13 20.19 -20.03
N THR E 76 -18.29 19.34 -19.02
CA THR E 76 -19.46 19.39 -18.15
C THR E 76 -19.02 19.20 -16.72
N LEU E 77 -19.50 20.08 -15.84
CA LEU E 77 -19.36 19.92 -14.40
C LEU E 77 -20.72 19.54 -13.84
N ASN E 78 -20.78 18.41 -13.14
CA ASN E 78 -21.99 17.95 -12.49
C ASN E 78 -21.84 18.04 -10.98
N ILE E 79 -22.91 18.47 -10.32
CA ILE E 79 -22.99 18.50 -8.86
C ILE E 79 -24.25 17.75 -8.49
N HIS E 80 -24.10 16.62 -7.81
CA HIS E 80 -25.25 15.82 -7.43
C HIS E 80 -24.92 14.88 -6.28
N PRO E 81 -25.67 15.00 -5.17
CA PRO E 81 -26.75 15.98 -4.98
C PRO E 81 -26.26 17.32 -4.44
N VAL E 82 -26.89 18.40 -4.91
CA VAL E 82 -26.50 19.74 -4.48
C VAL E 82 -26.78 19.91 -2.99
N GLU E 83 -25.90 20.63 -2.30
CA GLU E 83 -26.06 20.99 -0.90
C GLU E 83 -26.01 22.51 -0.75
N GLU E 84 -26.45 22.98 0.43
CA GLU E 84 -26.44 24.41 0.72
C GLU E 84 -25.07 25.03 0.50
N GLU E 85 -24.01 24.33 0.91
CA GLU E 85 -22.65 24.86 0.79
C GLU E 85 -22.16 24.95 -0.65
N ASP E 86 -22.93 24.48 -1.63
CA ASP E 86 -22.52 24.59 -3.02
C ASP E 86 -22.85 25.95 -3.62
N ALA E 87 -23.52 26.83 -2.86
CA ALA E 87 -23.76 28.21 -3.29
C ALA E 87 -22.43 28.90 -3.52
N ALA E 88 -22.12 29.20 -4.78
CA ALA E 88 -20.81 29.72 -5.16
C ALA E 88 -20.89 30.10 -6.64
N THR E 89 -19.78 30.63 -7.13
CA THR E 89 -19.58 30.90 -8.56
C THR E 89 -18.56 29.90 -9.08
N TYR E 90 -18.87 29.29 -10.23
CA TYR E 90 -18.06 28.21 -10.79
C TYR E 90 -17.40 28.67 -12.08
N TYR E 91 -16.10 28.40 -12.19
CA TYR E 91 -15.28 28.83 -13.31
C TYR E 91 -14.60 27.62 -13.94
N CYS E 92 -14.61 27.55 -15.26
CA CYS E 92 -13.74 26.62 -15.96
C CYS E 92 -12.45 27.32 -16.39
N GLN E 93 -11.43 26.53 -16.68
CA GLN E 93 -10.12 27.05 -17.03
C GLN E 93 -9.44 26.10 -17.98
N GLN E 94 -8.89 26.64 -19.08
CA GLN E 94 -8.07 25.85 -19.97
C GLN E 94 -6.60 26.18 -19.71
N THR E 95 -5.78 25.13 -19.68
CA THR E 95 -4.34 25.26 -19.48
C THR E 95 -3.56 24.63 -20.63
N ASN E 96 -4.22 24.49 -21.80
CA ASN E 96 -3.57 23.86 -22.93
C ASN E 96 -2.65 24.82 -23.68
N GLU E 97 -3.00 26.11 -23.71
CA GLU E 97 -2.31 27.06 -24.54
C GLU E 97 -2.17 28.39 -23.80
N ASP E 98 -1.02 29.04 -23.98
CA ASP E 98 -0.83 30.37 -23.43
C ASP E 98 -1.53 31.37 -24.34
N PRO E 99 -2.26 32.33 -23.75
CA PRO E 99 -2.40 32.48 -22.29
C PRO E 99 -3.51 31.61 -21.70
N TRP E 100 -3.32 31.16 -20.46
CA TRP E 100 -4.39 30.48 -19.74
C TRP E 100 -5.61 31.37 -19.65
N THR E 101 -6.79 30.78 -19.80
CA THR E 101 -8.02 31.56 -19.83
C THR E 101 -9.09 30.87 -19.00
N PHE E 102 -10.07 31.68 -18.58
CA PHE E 102 -11.19 31.27 -17.76
C PHE E 102 -12.50 31.52 -18.47
N GLY E 103 -13.52 30.74 -18.13
CA GLY E 103 -14.87 31.05 -18.56
C GLY E 103 -15.43 32.24 -17.80
N GLY E 104 -16.56 32.74 -18.30
CA GLY E 104 -17.22 33.88 -17.68
C GLY E 104 -17.76 33.61 -16.30
N GLY E 105 -17.90 32.34 -15.92
CA GLY E 105 -18.36 32.00 -14.60
C GLY E 105 -19.85 31.76 -14.53
N THR E 106 -20.26 30.87 -13.63
CA THR E 106 -21.65 30.51 -13.42
C THR E 106 -21.98 30.70 -11.94
N LYS E 107 -22.97 31.55 -11.65
CA LYS E 107 -23.43 31.76 -10.29
C LYS E 107 -24.52 30.74 -9.97
N LEU E 108 -24.30 29.94 -8.94
CA LEU E 108 -25.22 28.86 -8.57
C LEU E 108 -26.00 29.24 -7.32
N GLU E 109 -27.31 29.32 -7.43
CA GLU E 109 -28.19 29.56 -6.30
C GLU E 109 -28.79 28.25 -5.83
N ILE E 110 -28.84 28.07 -4.51
CA ILE E 110 -29.50 26.90 -3.91
C ILE E 110 -30.91 27.29 -3.53
N LYS E 111 -31.89 26.54 -4.05
CA LYS E 111 -33.29 26.79 -3.75
C LYS E 111 -33.64 26.27 -2.36
N ARG E 112 -34.51 26.99 -1.67
CA ARG E 112 -35.06 26.55 -0.39
C ARG E 112 -36.51 27.00 -0.30
N THR E 113 -37.20 26.57 0.76
CA THR E 113 -38.56 27.01 0.98
C THR E 113 -38.61 28.51 1.21
N VAL E 114 -39.77 29.11 0.91
CA VAL E 114 -39.95 30.53 1.14
C VAL E 114 -39.78 30.83 2.62
N ALA E 115 -39.07 31.92 2.92
CA ALA E 115 -38.81 32.33 4.30
C ALA E 115 -39.07 33.83 4.42
N ALA E 116 -39.82 34.22 5.44
CA ALA E 116 -40.15 35.63 5.60
C ALA E 116 -39.02 36.36 6.31
N PRO E 117 -38.81 37.64 5.98
CA PRO E 117 -37.76 38.42 6.65
C PRO E 117 -38.19 38.88 8.03
N SER E 118 -37.19 39.02 8.91
CA SER E 118 -37.37 39.60 10.23
C SER E 118 -36.90 41.06 10.16
N VAL E 119 -37.83 41.99 10.33
CA VAL E 119 -37.58 43.41 10.14
C VAL E 119 -37.24 44.06 11.47
N PHE E 120 -36.22 44.90 11.46
CA PHE E 120 -35.81 45.68 12.62
C PHE E 120 -35.40 47.07 12.14
N ILE E 121 -35.85 48.10 12.86
CA ILE E 121 -35.50 49.48 12.55
C ILE E 121 -34.67 50.04 13.69
N PHE E 122 -33.61 50.77 13.34
CA PHE E 122 -32.68 51.32 14.32
C PHE E 122 -32.69 52.85 14.22
N PRO E 123 -33.10 53.56 15.26
CA PRO E 123 -33.03 55.02 15.20
C PRO E 123 -31.58 55.49 15.23
N PRO E 124 -31.28 56.65 14.64
CA PRO E 124 -29.92 57.17 14.72
C PRO E 124 -29.53 57.52 16.15
N SER E 125 -28.27 57.33 16.48
CA SER E 125 -27.76 57.65 17.80
C SER E 125 -27.58 59.16 17.93
N ASP E 126 -27.13 59.59 19.11
CA ASP E 126 -26.88 61.02 19.34
C ASP E 126 -25.71 61.53 18.50
N GLU E 127 -24.82 60.65 18.07
CA GLU E 127 -23.67 61.04 17.25
C GLU E 127 -24.11 61.31 15.82
N THR E 133 -25.72 64.77 9.97
CA THR E 133 -26.53 63.88 9.14
C THR E 133 -27.18 62.79 9.98
N ALA E 134 -28.35 62.33 9.54
CA ALA E 134 -29.07 61.24 10.18
C ALA E 134 -29.17 60.06 9.22
N SER E 135 -29.07 58.85 9.75
CA SER E 135 -29.17 57.63 8.94
C SER E 135 -30.01 56.61 9.70
N VAL E 136 -31.21 56.34 9.19
CA VAL E 136 -32.12 55.37 9.77
C VAL E 136 -31.96 54.06 9.00
N VAL E 137 -31.63 52.99 9.71
CA VAL E 137 -31.29 51.71 9.10
C VAL E 137 -32.45 50.74 9.33
N CYS E 138 -33.04 50.28 8.23
CA CYS E 138 -34.04 49.22 8.23
C CYS E 138 -33.35 47.92 7.83
N LEU E 139 -33.61 46.86 8.58
CA LEU E 139 -32.91 45.59 8.39
C LEU E 139 -33.90 44.47 8.09
N LEU E 140 -33.61 43.68 7.06
CA LEU E 140 -34.36 42.48 6.71
C LEU E 140 -33.42 41.28 6.88
N ASN E 141 -33.85 40.29 7.66
CA ASN E 141 -32.95 39.25 8.12
C ASN E 141 -33.47 37.86 7.75
N ASN E 142 -32.63 37.09 7.04
CA ASN E 142 -32.82 35.65 6.83
C ASN E 142 -34.12 35.35 6.09
N PHE E 143 -34.15 35.73 4.82
CA PHE E 143 -35.33 35.55 3.99
C PHE E 143 -34.96 34.92 2.64
N TYR E 144 -35.98 34.39 1.98
CA TYR E 144 -35.85 33.79 0.65
C TYR E 144 -37.21 33.82 -0.04
N PRO E 145 -37.22 34.16 -1.34
CA PRO E 145 -36.08 34.49 -2.19
C PRO E 145 -35.58 35.94 -2.03
N ARG E 146 -34.64 36.30 -2.92
CA ARG E 146 -33.88 37.53 -2.73
C ARG E 146 -34.75 38.78 -2.89
N GLU E 147 -35.78 38.72 -3.73
CA GLU E 147 -36.57 39.91 -4.06
C GLU E 147 -37.34 40.41 -2.84
N ALA E 148 -37.15 41.69 -2.50
CA ALA E 148 -37.84 42.28 -1.36
C ALA E 148 -37.84 43.79 -1.52
N LYS E 149 -39.01 44.38 -1.69
CA LYS E 149 -39.15 45.83 -1.84
C LYS E 149 -39.26 46.50 -0.47
N VAL E 150 -38.54 47.60 -0.31
CA VAL E 150 -38.50 48.34 0.95
C VAL E 150 -38.77 49.81 0.66
N GLN E 151 -39.92 50.31 1.09
CA GLN E 151 -40.28 51.71 0.92
C GLN E 151 -40.19 52.44 2.26
N TRP E 152 -39.60 53.63 2.24
CA TRP E 152 -39.49 54.46 3.43
C TRP E 152 -40.65 55.44 3.50
N LYS E 153 -41.31 55.49 4.66
CA LYS E 153 -42.42 56.39 4.90
C LYS E 153 -42.06 57.32 6.04
N VAL E 154 -42.11 58.63 5.77
CA VAL E 154 -41.80 59.65 6.76
C VAL E 154 -43.09 60.45 6.98
N ASP E 155 -43.77 60.19 8.10
CA ASP E 155 -45.06 60.80 8.41
C ASP E 155 -46.08 60.55 7.31
N ASN E 156 -46.09 59.32 6.79
CA ASN E 156 -47.01 58.95 5.73
C ASN E 156 -46.45 59.27 4.34
N ALA E 157 -45.46 60.15 4.30
CA ALA E 157 -44.86 60.56 3.03
C ALA E 157 -43.76 59.57 2.63
N LEU E 158 -43.82 59.10 1.39
CA LEU E 158 -42.82 58.17 0.89
C LEU E 158 -41.50 58.88 0.65
N GLN E 159 -40.44 58.08 0.49
CA GLN E 159 -39.11 58.59 0.25
C GLN E 159 -38.70 58.29 -1.19
N SER E 160 -37.65 58.99 -1.63
CA SER E 160 -37.10 58.82 -2.97
C SER E 160 -35.73 59.44 -3.03
N GLY E 161 -34.73 58.66 -3.43
CA GLY E 161 -33.37 59.18 -3.54
C GLY E 161 -32.70 59.48 -2.22
N ASN E 162 -33.22 58.94 -1.11
CA ASN E 162 -32.65 59.17 0.20
C ASN E 162 -32.32 57.87 0.92
N SER E 163 -32.18 56.76 0.20
CA SER E 163 -31.88 55.48 0.81
C SER E 163 -31.02 54.65 -0.14
N GLN E 164 -30.32 53.67 0.43
CA GLN E 164 -29.45 52.76 -0.32
C GLN E 164 -29.62 51.35 0.22
N GLU E 165 -29.75 50.38 -0.68
CA GLU E 165 -29.93 48.98 -0.30
C GLU E 165 -28.63 48.20 -0.42
N SER E 166 -28.51 47.16 0.40
CA SER E 166 -27.34 46.28 0.36
C SER E 166 -27.75 44.88 0.76
N VAL E 167 -27.50 43.90 -0.13
CA VAL E 167 -27.85 42.51 0.10
C VAL E 167 -26.60 41.71 0.42
N THR E 168 -26.75 40.74 1.31
CA THR E 168 -25.73 39.72 1.49
C THR E 168 -25.82 38.69 0.37
N GLU E 169 -24.71 37.99 0.15
CA GLU E 169 -24.76 36.82 -0.72
C GLU E 169 -25.50 35.69 -0.01
N GLN E 170 -25.83 34.65 -0.77
CA GLN E 170 -26.63 33.57 -0.21
C GLN E 170 -25.88 32.86 0.90
N ASP E 171 -26.54 32.69 2.04
CA ASP E 171 -25.91 32.07 3.19
C ASP E 171 -25.52 30.63 2.89
N SER E 172 -24.29 30.25 3.24
CA SER E 172 -23.78 28.92 2.92
C SER E 172 -24.39 27.83 3.79
N LYS E 173 -25.15 28.17 4.82
CA LYS E 173 -25.77 27.18 5.70
C LYS E 173 -27.26 27.07 5.48
N ASP E 174 -28.02 28.17 5.62
CA ASP E 174 -29.47 28.13 5.49
C ASP E 174 -30.00 28.72 4.19
N SER E 175 -29.12 29.17 3.29
CA SER E 175 -29.50 29.58 1.93
C SER E 175 -30.42 30.81 1.90
N THR E 176 -30.38 31.65 2.91
CA THR E 176 -31.20 32.87 2.95
C THR E 176 -30.34 34.10 2.68
N TYR E 177 -31.03 35.22 2.52
CA TYR E 177 -30.41 36.52 2.28
C TYR E 177 -30.72 37.46 3.43
N SER E 178 -29.97 38.56 3.49
CA SER E 178 -30.25 39.64 4.42
C SER E 178 -30.03 40.96 3.69
N LEU E 179 -30.86 41.95 4.01
CA LEU E 179 -30.87 43.22 3.31
C LEU E 179 -31.00 44.35 4.31
N SER E 180 -30.18 45.38 4.15
CA SER E 180 -30.22 46.56 4.99
C SER E 180 -30.44 47.80 4.14
N SER E 181 -31.43 48.61 4.50
CA SER E 181 -31.71 49.87 3.84
C SER E 181 -31.35 51.01 4.79
N THR E 182 -30.56 51.96 4.30
CA THR E 182 -30.07 53.08 5.10
C THR E 182 -30.64 54.37 4.55
N LEU E 183 -31.60 54.96 5.27
CA LEU E 183 -32.23 56.21 4.86
C LEU E 183 -31.35 57.38 5.25
N THR E 184 -30.88 58.13 4.25
CA THR E 184 -29.99 59.28 4.46
C THR E 184 -30.84 60.55 4.49
N LEU E 185 -30.88 61.21 5.65
CA LEU E 185 -31.62 62.44 5.84
C LEU E 185 -30.75 63.44 6.57
N SER E 186 -30.91 64.72 6.22
CA SER E 186 -30.12 65.78 6.83
C SER E 186 -30.50 65.94 8.30
N LYS E 187 -29.60 66.57 9.06
CA LYS E 187 -29.84 66.77 10.49
C LYS E 187 -31.05 67.66 10.75
N ALA E 188 -31.42 68.51 9.79
CA ALA E 188 -32.58 69.38 9.95
C ALA E 188 -33.88 68.72 9.49
N ASP E 189 -33.83 67.96 8.40
CA ASP E 189 -35.03 67.26 7.93
C ASP E 189 -35.47 66.20 8.92
N TYR E 190 -34.53 65.59 9.65
CA TYR E 190 -34.90 64.59 10.65
C TYR E 190 -35.54 65.24 11.88
N GLU E 191 -35.15 66.47 12.20
CA GLU E 191 -35.72 67.16 13.34
C GLU E 191 -37.11 67.72 13.07
N LYS E 192 -37.50 67.81 11.80
CA LYS E 192 -38.80 68.33 11.41
C LYS E 192 -39.88 67.25 11.33
N HIS E 193 -39.59 66.04 11.79
CA HIS E 193 -40.55 64.95 11.74
C HIS E 193 -40.37 64.07 12.98
N LYS E 194 -41.32 63.14 13.16
CA LYS E 194 -41.26 62.21 14.29
C LYS E 194 -41.62 60.77 13.96
N VAL E 195 -42.30 60.50 12.84
CA VAL E 195 -42.74 59.16 12.49
C VAL E 195 -41.93 58.71 11.29
N TYR E 196 -41.07 57.70 11.49
CA TYR E 196 -40.28 57.09 10.43
C TYR E 196 -40.52 55.60 10.45
N ALA E 197 -41.05 55.06 9.35
CA ALA E 197 -41.34 53.64 9.24
C ALA E 197 -40.95 53.14 7.86
N CYS E 198 -40.46 51.90 7.80
CA CYS E 198 -40.15 51.23 6.54
C CYS E 198 -41.17 50.15 6.29
N GLU E 199 -41.75 50.14 5.08
CA GLU E 199 -42.74 49.16 4.67
C GLU E 199 -42.05 48.09 3.84
N VAL E 200 -42.11 46.84 4.32
CA VAL E 200 -41.42 45.71 3.71
C VAL E 200 -42.44 44.83 3.00
N THR E 201 -42.19 44.57 1.72
CA THR E 201 -43.00 43.66 0.92
C THR E 201 -42.13 42.49 0.48
N HIS E 202 -42.66 41.27 0.60
CA HIS E 202 -41.92 40.07 0.30
C HIS E 202 -42.90 38.91 0.11
N GLN E 203 -42.54 37.99 -0.78
CA GLN E 203 -43.44 36.89 -1.13
C GLN E 203 -43.75 36.01 0.08
N GLY E 204 -42.86 35.96 1.07
CA GLY E 204 -43.14 35.24 2.29
C GLY E 204 -44.13 35.91 3.22
N LEU E 205 -44.39 37.20 3.03
CA LEU E 205 -45.30 37.95 3.87
C LEU E 205 -46.66 38.02 3.20
N SER E 206 -47.71 37.66 3.94
CA SER E 206 -49.06 37.78 3.43
C SER E 206 -49.46 39.25 3.27
N SER E 207 -49.13 40.07 4.26
CA SER E 207 -49.35 41.51 4.22
C SER E 207 -48.05 42.23 4.54
N PRO E 208 -47.79 43.38 3.92
CA PRO E 208 -46.54 44.09 4.16
C PRO E 208 -46.37 44.48 5.62
N VAL E 209 -45.15 44.29 6.14
CA VAL E 209 -44.80 44.63 7.51
C VAL E 209 -44.21 46.02 7.53
N THR E 210 -44.64 46.85 8.49
CA THR E 210 -44.19 48.23 8.60
C THR E 210 -43.68 48.47 10.02
N LYS E 211 -42.36 48.48 10.17
CA LYS E 211 -41.72 48.75 11.45
C LYS E 211 -41.41 50.24 11.52
N SER E 212 -42.06 50.94 12.45
CA SER E 212 -41.89 52.39 12.58
C SER E 212 -41.50 52.81 13.99
N GLN F 1 0.16 23.92 7.56
CA GLN F 1 0.20 23.41 6.20
C GLN F 1 0.73 24.45 5.22
N VAL F 2 0.52 24.20 3.93
CA VAL F 2 0.96 25.14 2.90
C VAL F 2 0.09 26.39 2.93
N GLN F 3 0.64 27.49 2.42
CA GLN F 3 -0.09 28.74 2.40
C GLN F 3 0.57 29.73 1.45
N LEU F 4 -0.24 30.67 0.97
CA LEU F 4 0.22 31.77 0.12
C LEU F 4 -0.28 33.06 0.76
N GLN F 5 0.63 33.82 1.36
CA GLN F 5 0.29 35.04 2.09
C GLN F 5 0.49 36.24 1.16
N GLN F 6 -0.61 36.91 0.82
CA GLN F 6 -0.56 38.12 0.01
C GLN F 6 -0.60 39.36 0.89
N SER F 7 0.02 40.43 0.40
CA SER F 7 0.10 41.67 1.13
C SER F 7 -1.28 42.36 1.19
N GLY F 8 -1.35 43.39 2.03
CA GLY F 8 -2.63 44.04 2.32
C GLY F 8 -3.11 44.93 1.18
N ALA F 9 -4.36 45.38 1.34
CA ALA F 9 -5.00 46.21 0.32
C ALA F 9 -4.25 47.52 0.13
N GLU F 10 -4.31 48.04 -1.09
CA GLU F 10 -3.51 49.20 -1.49
C GLU F 10 -4.40 50.27 -2.10
N LEU F 11 -4.07 51.52 -1.82
CA LEU F 11 -4.64 52.68 -2.49
C LEU F 11 -3.54 53.39 -3.26
N ALA F 12 -3.81 53.72 -4.52
CA ALA F 12 -2.81 54.33 -5.38
C ALA F 12 -3.45 55.39 -6.26
N LYS F 13 -2.75 56.51 -6.45
CA LYS F 13 -3.25 57.59 -7.29
C LYS F 13 -3.11 57.22 -8.76
N PRO F 14 -3.99 57.74 -9.62
CA PRO F 14 -3.91 57.41 -11.05
C PRO F 14 -2.57 57.82 -11.64
N GLY F 15 -2.02 56.95 -12.49
CA GLY F 15 -0.73 57.18 -13.10
C GLY F 15 0.46 56.72 -12.30
N ALA F 16 0.25 56.25 -11.07
CA ALA F 16 1.33 55.81 -10.19
C ALA F 16 1.52 54.29 -10.33
N SER F 17 2.27 53.71 -9.39
CA SER F 17 2.58 52.28 -9.39
C SER F 17 2.34 51.68 -8.02
N VAL F 18 2.00 50.38 -8.01
CA VAL F 18 1.96 49.58 -6.79
C VAL F 18 2.76 48.30 -7.03
N MET F 19 3.34 47.78 -5.95
CA MET F 19 3.93 46.45 -5.95
C MET F 19 3.20 45.59 -4.93
N LEU F 20 2.70 44.45 -5.39
CA LEU F 20 2.04 43.47 -4.55
C LEU F 20 2.98 42.27 -4.36
N SER F 21 2.82 41.58 -3.24
CA SER F 21 3.71 40.47 -2.90
C SER F 21 2.88 39.26 -2.48
N CYS F 22 3.51 38.10 -2.58
CA CYS F 22 2.87 36.84 -2.23
C CYS F 22 3.94 35.87 -1.78
N LYS F 23 3.85 35.41 -0.54
CA LYS F 23 4.90 34.63 0.10
C LYS F 23 4.41 33.19 0.25
N ALA F 24 5.09 32.27 -0.41
CA ALA F 24 4.82 30.85 -0.27
C ALA F 24 5.63 30.28 0.90
N SER F 25 4.97 29.48 1.72
CA SER F 25 5.66 28.83 2.83
C SER F 25 5.07 27.46 3.05
N GLY F 26 5.85 26.60 3.72
CA GLY F 26 5.43 25.24 4.00
C GLY F 26 5.43 24.33 2.79
N TYR F 27 6.07 24.72 1.70
CA TYR F 27 6.06 23.97 0.46
C TYR F 27 7.34 23.16 0.28
N THR F 28 7.21 22.05 -0.43
CA THR F 28 8.36 21.23 -0.77
C THR F 28 9.32 22.01 -1.67
N PHE F 29 10.62 21.84 -1.41
CA PHE F 29 11.65 22.44 -2.25
C PHE F 29 11.59 21.82 -3.65
N ASN F 30 11.34 22.66 -4.66
CA ASN F 30 11.14 22.20 -6.03
C ASN F 30 10.94 23.43 -6.90
N GLY F 31 11.27 23.29 -8.19
CA GLY F 31 10.84 24.29 -9.14
C GLY F 31 9.33 24.34 -9.21
N TYR F 32 8.79 25.55 -9.35
CA TYR F 32 7.35 25.77 -9.36
C TYR F 32 7.09 27.12 -10.00
N TRP F 33 5.81 27.43 -10.24
CA TRP F 33 5.42 28.66 -10.92
C TRP F 33 4.35 29.40 -10.13
N MET F 34 4.56 30.69 -9.94
CA MET F 34 3.59 31.57 -9.29
C MET F 34 2.86 32.37 -10.36
N HIS F 35 1.57 32.12 -10.51
CA HIS F 35 0.72 32.84 -11.45
C HIS F 35 -0.02 33.96 -10.73
N TRP F 36 -0.25 35.05 -11.44
CA TRP F 36 -1.07 36.14 -10.93
C TRP F 36 -2.34 36.27 -11.76
N VAL F 37 -3.46 36.53 -11.08
CA VAL F 37 -4.78 36.54 -11.70
C VAL F 37 -5.51 37.79 -11.24
N LYS F 38 -6.15 38.48 -12.19
CA LYS F 38 -6.88 39.70 -11.92
C LYS F 38 -8.38 39.42 -11.93
N GLN F 39 -9.07 39.84 -10.87
CA GLN F 39 -10.51 39.66 -10.77
C GLN F 39 -11.18 41.01 -10.56
N ARG F 40 -12.02 41.41 -11.50
CA ARG F 40 -12.75 42.65 -11.44
C ARG F 40 -14.25 42.35 -11.43
N PRO F 41 -15.02 42.95 -10.52
CA PRO F 41 -16.46 42.66 -10.47
C PRO F 41 -17.16 43.03 -11.78
N GLY F 42 -17.74 42.01 -12.43
CA GLY F 42 -18.43 42.17 -13.68
C GLY F 42 -17.71 41.56 -14.87
N GLN F 43 -16.47 41.12 -14.70
CA GLN F 43 -15.65 40.59 -15.78
C GLN F 43 -15.20 39.16 -15.46
N ASP F 44 -14.61 38.51 -16.45
CA ASP F 44 -13.99 37.21 -16.24
C ASP F 44 -12.74 37.36 -15.39
N LEU F 45 -12.35 36.27 -14.72
CA LEU F 45 -11.02 36.18 -14.18
C LEU F 45 -10.01 36.32 -15.31
N GLU F 46 -8.93 37.04 -15.06
CA GLU F 46 -7.95 37.33 -16.09
C GLU F 46 -6.56 36.89 -15.65
N TRP F 47 -5.94 36.05 -16.45
CA TRP F 47 -4.60 35.56 -16.18
C TRP F 47 -3.58 36.61 -16.62
N ILE F 48 -2.67 36.96 -15.71
CA ILE F 48 -1.67 37.98 -15.99
C ILE F 48 -0.36 37.37 -16.50
N GLY F 49 0.04 36.26 -15.91
CA GLY F 49 1.33 35.66 -16.23
C GLY F 49 1.84 34.88 -15.04
N TYR F 50 3.04 34.32 -15.20
CA TYR F 50 3.67 33.56 -14.13
C TYR F 50 5.15 33.88 -14.07
N ILE F 51 5.76 33.47 -12.96
CA ILE F 51 7.21 33.50 -12.80
C ILE F 51 7.63 32.27 -12.03
N ASN F 52 8.74 31.66 -12.45
CA ASN F 52 9.40 30.60 -11.71
C ASN F 52 10.39 31.25 -10.74
N PRO F 53 10.06 31.32 -9.44
CA PRO F 53 10.98 31.97 -8.49
C PRO F 53 12.34 31.30 -8.41
N THR F 54 12.45 30.03 -8.82
CA THR F 54 13.72 29.33 -8.77
C THR F 54 14.66 29.80 -9.88
N THR F 55 14.12 30.17 -11.04
CA THR F 55 14.91 30.55 -12.19
C THR F 55 14.69 31.99 -12.66
N GLY F 56 13.70 32.70 -12.12
CA GLY F 56 13.35 34.00 -12.65
C GLY F 56 12.64 33.99 -13.97
N HIS F 57 12.34 32.81 -14.51
CA HIS F 57 11.68 32.72 -15.80
C HIS F 57 10.25 33.22 -15.71
N THR F 58 9.85 34.04 -16.69
CA THR F 58 8.55 34.69 -16.71
C THR F 58 7.85 34.46 -18.04
N GLU F 59 6.52 34.46 -17.99
CA GLU F 59 5.67 34.47 -19.17
C GLU F 59 4.50 35.40 -18.89
N TYR F 60 4.15 36.22 -19.87
CA TYR F 60 3.12 37.24 -19.73
C TYR F 60 1.97 37.00 -20.69
N ASN F 61 0.77 37.30 -20.22
CA ASN F 61 -0.33 37.60 -21.13
C ASN F 61 0.02 38.90 -21.85
N GLN F 62 -0.04 38.88 -23.18
CA GLN F 62 0.33 40.07 -23.95
C GLN F 62 -0.52 41.28 -23.58
N LYS F 63 -1.75 41.07 -23.12
CA LYS F 63 -2.59 42.18 -22.69
C LYS F 63 -1.99 42.94 -21.51
N PHE F 64 -1.15 42.29 -20.72
CA PHE F 64 -0.54 42.90 -19.53
C PHE F 64 0.95 43.15 -19.69
N LYS F 65 1.50 42.99 -20.90
CA LYS F 65 2.95 43.08 -21.07
C LYS F 65 3.48 44.45 -20.68
N ASP F 66 2.69 45.51 -20.90
CA ASP F 66 3.09 46.85 -20.46
C ASP F 66 2.58 47.19 -19.06
N LYS F 67 1.56 46.48 -18.58
CA LYS F 67 0.94 46.86 -17.32
C LYS F 67 1.65 46.25 -16.13
N ALA F 68 2.08 44.99 -16.24
CA ALA F 68 2.57 44.22 -15.12
C ALA F 68 4.01 43.76 -15.33
N THR F 69 4.78 43.73 -14.24
CA THR F 69 6.14 43.22 -14.22
C THR F 69 6.25 42.24 -13.06
N LEU F 70 6.67 41.01 -13.34
CA LEU F 70 6.78 39.96 -12.32
C LEU F 70 8.23 39.75 -11.92
N THR F 71 8.48 39.72 -10.61
CA THR F 71 9.78 39.40 -10.06
C THR F 71 9.62 38.41 -8.92
N ALA F 72 10.74 37.89 -8.44
CA ALA F 72 10.71 36.92 -7.35
C ALA F 72 12.06 36.90 -6.65
N ASP F 73 12.02 36.86 -5.32
CA ASP F 73 13.20 36.58 -4.51
C ASP F 73 13.13 35.12 -4.08
N GLU F 74 14.09 34.32 -4.53
CA GLU F 74 14.09 32.90 -4.20
C GLU F 74 14.36 32.67 -2.72
N SER F 75 15.11 33.57 -2.08
CA SER F 75 15.47 33.40 -0.67
C SER F 75 14.22 33.39 0.22
N SER F 76 13.40 34.44 0.11
CA SER F 76 12.22 34.58 0.94
C SER F 76 10.99 33.90 0.37
N ASN F 77 11.14 33.19 -0.75
CA ASN F 77 10.02 32.50 -1.41
C ASN F 77 8.86 33.45 -1.68
N THR F 78 9.19 34.67 -2.09
CA THR F 78 8.21 35.71 -2.35
C THR F 78 8.19 36.05 -3.82
N ALA F 79 6.99 36.19 -4.37
CA ALA F 79 6.79 36.65 -5.74
C ALA F 79 6.12 38.01 -5.72
N TYR F 80 6.54 38.88 -6.62
CA TYR F 80 6.08 40.27 -6.68
C TYR F 80 5.46 40.56 -8.02
N ILE F 81 4.40 41.38 -8.02
CA ILE F 81 3.84 41.94 -9.24
C ILE F 81 3.81 43.45 -9.10
N GLU F 82 4.29 44.14 -10.12
CA GLU F 82 4.31 45.59 -10.17
C GLU F 82 3.35 46.04 -11.26
N LEU F 83 2.40 46.90 -10.89
CA LEU F 83 1.42 47.46 -11.82
C LEU F 83 1.73 48.94 -12.01
N SER F 84 1.93 49.34 -13.26
CA SER F 84 2.33 50.70 -13.59
C SER F 84 1.23 51.40 -14.37
N SER F 85 1.37 52.72 -14.50
CA SER F 85 0.43 53.56 -15.24
C SER F 85 -1.01 53.29 -14.81
N LEU F 86 -1.23 53.35 -13.50
CA LEU F 86 -2.49 52.87 -12.93
C LEU F 86 -3.67 53.72 -13.38
N THR F 87 -4.72 53.04 -13.83
CA THR F 87 -5.99 53.66 -14.19
C THR F 87 -7.09 53.03 -13.34
N SER F 88 -8.31 53.58 -13.46
CA SER F 88 -9.44 53.02 -12.74
C SER F 88 -9.74 51.58 -13.17
N ASP F 89 -9.33 51.19 -14.38
CA ASP F 89 -9.55 49.82 -14.84
C ASP F 89 -8.63 48.83 -14.13
N ASP F 90 -7.57 49.29 -13.49
CA ASP F 90 -6.72 48.39 -12.71
C ASP F 90 -7.26 48.15 -11.31
N SER F 91 -8.25 48.91 -10.87
CA SER F 91 -8.93 48.63 -9.61
C SER F 91 -9.55 47.24 -9.66
N ALA F 92 -9.02 46.31 -8.87
CA ALA F 92 -9.49 44.93 -8.88
C ALA F 92 -8.82 44.19 -7.72
N VAL F 93 -9.17 42.92 -7.58
CA VAL F 93 -8.51 42.02 -6.64
C VAL F 93 -7.50 41.20 -7.42
N TYR F 94 -6.28 41.10 -6.90
CA TYR F 94 -5.22 40.34 -7.55
C TYR F 94 -4.88 39.13 -6.69
N TYR F 95 -4.94 37.95 -7.31
CA TYR F 95 -4.62 36.69 -6.65
C TYR F 95 -3.30 36.15 -7.17
N CYS F 96 -2.57 35.49 -6.28
CA CYS F 96 -1.41 34.67 -6.64
CA CYS F 96 -1.45 34.67 -6.71
C CYS F 96 -1.79 33.21 -6.48
N ALA F 97 -1.40 32.38 -7.44
CA ALA F 97 -1.70 30.96 -7.39
C ALA F 97 -0.44 30.20 -7.79
N ARG F 98 -0.30 29.02 -7.20
CA ARG F 98 0.90 28.22 -7.34
C ARG F 98 0.61 27.00 -8.20
N GLN F 99 1.49 26.72 -9.16
CA GLN F 99 1.41 25.55 -10.02
C GLN F 99 2.64 24.68 -9.77
N GLU F 100 2.41 23.41 -9.48
CA GLU F 100 3.51 22.48 -9.23
C GLU F 100 3.98 21.84 -10.53
N TYR F 101 5.21 21.33 -10.49
CA TYR F 101 5.72 20.57 -11.63
C TYR F 101 4.83 19.37 -11.89
N ARG F 102 4.57 19.11 -13.18
CA ARG F 102 3.68 18.07 -13.70
C ARG F 102 2.20 18.39 -13.52
N HIS F 103 1.86 19.49 -12.87
CA HIS F 103 0.48 19.92 -12.72
C HIS F 103 0.12 20.92 -13.81
N SER F 104 -1.06 20.77 -14.37
CA SER F 104 -1.62 21.74 -15.31
C SER F 104 -2.85 22.42 -14.71
N TRP F 105 -2.76 22.75 -13.42
CA TRP F 105 -3.84 23.39 -12.68
C TRP F 105 -3.21 24.16 -11.53
N PHE F 106 -4.03 24.96 -10.84
CA PHE F 106 -3.57 25.65 -9.64
C PHE F 106 -3.84 24.78 -8.42
N ALA F 107 -2.78 24.47 -7.66
CA ALA F 107 -2.97 23.69 -6.44
C ALA F 107 -3.58 24.55 -5.33
N TYR F 108 -3.05 25.76 -5.14
CA TYR F 108 -3.47 26.65 -4.06
C TYR F 108 -3.47 28.09 -4.55
N TRP F 109 -4.38 28.89 -3.99
CA TRP F 109 -4.44 30.33 -4.23
C TRP F 109 -4.12 31.10 -2.96
N GLY F 110 -3.63 32.33 -3.14
CA GLY F 110 -3.57 33.28 -2.04
C GLY F 110 -4.93 33.92 -1.80
N GLN F 111 -5.01 34.69 -0.71
CA GLN F 111 -6.30 35.24 -0.31
C GLN F 111 -6.71 36.45 -1.14
N GLY F 112 -5.79 37.06 -1.86
CA GLY F 112 -6.15 38.17 -2.73
C GLY F 112 -5.75 39.50 -2.15
N THR F 113 -5.37 40.43 -3.04
CA THR F 113 -5.02 41.79 -2.67
C THR F 113 -5.92 42.74 -3.44
N LEU F 114 -6.67 43.56 -2.70
CA LEU F 114 -7.51 44.58 -3.33
C LEU F 114 -6.68 45.80 -3.66
N VAL F 115 -6.77 46.26 -4.90
CA VAL F 115 -6.09 47.46 -5.37
C VAL F 115 -7.15 48.48 -5.73
N THR F 116 -7.07 49.66 -5.12
CA THR F 116 -7.98 50.77 -5.41
C THR F 116 -7.17 51.88 -6.07
N VAL F 117 -7.60 52.30 -7.25
CA VAL F 117 -6.97 53.38 -7.99
C VAL F 117 -7.94 54.55 -8.01
N SER F 118 -7.67 55.55 -7.19
CA SER F 118 -8.50 56.75 -7.13
C SER F 118 -7.66 57.88 -6.58
N ALA F 119 -8.00 59.11 -6.99
CA ALA F 119 -7.31 60.29 -6.50
C ALA F 119 -7.75 60.69 -5.09
N ALA F 120 -8.86 60.13 -4.61
CA ALA F 120 -9.38 60.51 -3.30
C ALA F 120 -8.40 60.15 -2.19
N SER F 121 -8.49 60.89 -1.08
CA SER F 121 -7.60 60.71 0.06
C SER F 121 -8.15 59.62 0.99
N THR F 122 -7.23 59.03 1.76
CA THR F 122 -7.62 58.07 2.77
C THR F 122 -8.46 58.73 3.84
N LYS F 123 -9.55 58.06 4.25
CA LYS F 123 -10.44 58.60 5.26
C LYS F 123 -10.85 57.48 6.20
N GLY F 124 -10.63 57.70 7.50
CA GLY F 124 -11.01 56.74 8.51
C GLY F 124 -12.51 56.68 8.70
N PRO F 125 -13.00 55.56 9.22
CA PRO F 125 -14.45 55.38 9.36
C PRO F 125 -15.01 55.91 10.66
N SER F 126 -16.23 56.41 10.58
CA SER F 126 -17.01 56.80 11.74
C SER F 126 -17.98 55.68 12.08
N VAL F 127 -18.10 55.37 13.37
CA VAL F 127 -18.86 54.22 13.85
C VAL F 127 -20.04 54.73 14.68
N PHE F 128 -21.25 54.48 14.20
CA PHE F 128 -22.47 54.78 14.94
C PHE F 128 -23.12 53.48 15.35
N PRO F 129 -23.54 53.34 16.61
CA PRO F 129 -24.12 52.06 17.06
C PRO F 129 -25.61 51.95 16.80
N LEU F 130 -26.01 50.87 16.11
CA LEU F 130 -27.42 50.59 15.89
C LEU F 130 -27.99 49.93 17.14
N ALA F 131 -28.79 50.68 17.90
CA ALA F 131 -29.25 50.20 19.20
C ALA F 131 -30.66 49.64 19.08
N PRO F 132 -30.91 48.42 19.61
CA PRO F 132 -32.25 47.82 19.67
C PRO F 132 -33.14 48.50 20.72
N THR F 141 -35.90 37.01 20.04
CA THR F 141 -34.85 37.31 19.08
C THR F 141 -34.49 38.79 19.10
N ALA F 142 -33.22 39.08 19.35
CA ALA F 142 -32.73 40.46 19.41
C ALA F 142 -31.89 40.76 18.18
N ALA F 143 -31.72 42.05 17.90
CA ALA F 143 -30.93 42.51 16.76
C ALA F 143 -30.15 43.75 17.17
N LEU F 144 -28.83 43.71 17.01
CA LEU F 144 -27.97 44.83 17.34
C LEU F 144 -26.78 44.82 16.39
N GLY F 145 -26.26 46.00 16.08
CA GLY F 145 -25.17 46.07 15.12
C GLY F 145 -24.49 47.42 15.13
N CYS F 146 -23.50 47.55 14.25
CA CYS F 146 -22.65 48.73 14.13
C CYS F 146 -22.78 49.31 12.74
N LEU F 147 -22.94 50.63 12.65
CA LEU F 147 -23.04 51.33 11.37
C LEU F 147 -21.71 52.05 11.11
N VAL F 148 -20.92 51.51 10.20
CA VAL F 148 -19.63 52.08 9.83
C VAL F 148 -19.86 53.03 8.66
N LYS F 149 -19.73 54.32 8.92
CA LYS F 149 -20.12 55.36 7.97
C LYS F 149 -18.92 56.14 7.47
N ASP F 150 -18.93 56.43 6.17
CA ASP F 150 -17.99 57.37 5.54
C ASP F 150 -16.53 57.00 5.74
N TYR F 151 -16.03 56.08 4.95
CA TYR F 151 -14.61 55.74 4.95
C TYR F 151 -14.14 55.57 3.52
N PHE F 152 -12.81 55.56 3.36
CA PHE F 152 -12.20 55.33 2.05
C PHE F 152 -10.73 54.97 2.23
N PRO F 153 -10.25 53.97 1.47
CA PRO F 153 -11.07 53.16 0.56
C PRO F 153 -11.53 51.84 1.19
N GLU F 154 -11.97 50.91 0.34
CA GLU F 154 -12.24 49.54 0.78
C GLU F 154 -10.91 48.86 1.12
N PRO F 155 -10.95 47.83 1.99
CA PRO F 155 -12.10 47.29 2.71
C PRO F 155 -12.06 47.56 4.22
N VAL F 156 -13.04 47.01 4.93
CA VAL F 156 -13.10 47.12 6.39
C VAL F 156 -13.47 45.75 6.94
N THR F 157 -12.67 45.27 7.89
CA THR F 157 -12.97 44.00 8.55
C THR F 157 -13.79 44.27 9.81
N VAL F 158 -14.79 43.42 10.05
CA VAL F 158 -15.70 43.58 11.18
C VAL F 158 -15.86 42.23 11.87
N SER F 159 -15.46 42.15 13.13
CA SER F 159 -15.72 41.02 14.00
C SER F 159 -16.45 41.51 15.24
N TRP F 160 -16.90 40.56 16.06
CA TRP F 160 -17.70 40.88 17.23
C TRP F 160 -17.08 40.27 18.48
N ASN F 161 -16.95 41.10 19.54
CA ASN F 161 -16.43 40.68 20.83
C ASN F 161 -15.02 40.07 20.71
N SER F 162 -14.20 40.69 19.86
CA SER F 162 -12.83 40.22 19.62
C SER F 162 -12.80 38.89 18.87
N GLY F 163 -13.84 38.59 18.09
CA GLY F 163 -13.95 37.32 17.42
C GLY F 163 -14.60 36.23 18.24
N ALA F 164 -15.21 36.56 19.37
CA ALA F 164 -15.83 35.55 20.22
C ALA F 164 -17.06 34.95 19.56
N LEU F 165 -18.09 35.77 19.35
CA LEU F 165 -19.31 35.31 18.70
C LEU F 165 -19.25 35.58 17.20
N THR F 166 -19.74 34.62 16.42
CA THR F 166 -19.85 34.77 14.98
C THR F 166 -21.13 34.21 14.40
N SER F 167 -21.88 33.39 15.13
CA SER F 167 -23.12 32.82 14.61
C SER F 167 -24.20 33.90 14.56
N GLY F 168 -24.86 34.02 13.41
CA GLY F 168 -25.89 35.02 13.21
C GLY F 168 -25.39 36.37 12.75
N VAL F 169 -24.09 36.52 12.53
CA VAL F 169 -23.53 37.81 12.12
C VAL F 169 -23.82 38.04 10.64
N HIS F 170 -23.93 39.31 10.26
CA HIS F 170 -24.21 39.69 8.87
C HIS F 170 -23.52 41.02 8.60
N THR F 171 -22.34 40.96 7.98
CA THR F 171 -21.66 42.16 7.53
C THR F 171 -22.00 42.37 6.06
N PHE F 172 -22.64 43.49 5.77
CA PHE F 172 -23.13 43.74 4.42
C PHE F 172 -22.02 44.26 3.51
N PRO F 173 -22.15 44.04 2.21
CA PRO F 173 -21.21 44.65 1.26
C PRO F 173 -21.28 46.18 1.34
N ALA F 174 -20.12 46.81 1.21
CA ALA F 174 -20.05 48.26 1.28
C ALA F 174 -20.86 48.87 0.14
N VAL F 175 -21.57 49.95 0.45
CA VAL F 175 -22.34 50.72 -0.52
C VAL F 175 -21.62 52.05 -0.72
N LEU F 176 -21.59 52.50 -1.98
CA LEU F 176 -20.88 53.72 -2.36
C LEU F 176 -21.86 54.89 -2.36
N GLN F 177 -21.75 55.78 -1.38
CA GLN F 177 -22.68 56.89 -1.25
C GLN F 177 -22.31 58.02 -2.20
N SER F 178 -23.17 59.05 -2.22
CA SER F 178 -22.98 60.16 -3.15
C SER F 178 -21.72 60.96 -2.83
N SER F 179 -21.35 61.06 -1.55
CA SER F 179 -20.16 61.80 -1.16
C SER F 179 -18.87 61.15 -1.62
N GLY F 180 -18.93 60.02 -2.34
CA GLY F 180 -17.73 59.34 -2.76
C GLY F 180 -17.11 58.42 -1.73
N LEU F 181 -17.69 58.33 -0.54
CA LEU F 181 -17.21 57.44 0.51
C LEU F 181 -18.05 56.16 0.52
N TYR F 182 -17.57 55.18 1.30
CA TYR F 182 -18.27 53.92 1.48
C TYR F 182 -18.90 53.86 2.86
N SER F 183 -19.84 52.94 3.02
CA SER F 183 -20.52 52.73 4.30
C SER F 183 -21.16 51.35 4.31
N LEU F 184 -21.20 50.74 5.49
CA LEU F 184 -21.81 49.43 5.66
C LEU F 184 -22.21 49.24 7.11
N SER F 185 -23.18 48.36 7.32
CA SER F 185 -23.63 47.97 8.65
C SER F 185 -23.27 46.51 8.92
N SER F 186 -23.31 46.13 10.20
CA SER F 186 -22.93 44.78 10.63
C SER F 186 -23.86 44.36 11.77
N VAL F 187 -25.04 43.86 11.40
CA VAL F 187 -26.05 43.46 12.36
C VAL F 187 -25.83 42.01 12.76
N VAL F 188 -26.36 41.64 13.92
CA VAL F 188 -26.23 40.27 14.44
C VAL F 188 -27.40 40.02 15.38
N THR F 189 -27.89 38.78 15.37
CA THR F 189 -29.01 38.39 16.23
C THR F 189 -28.50 37.75 17.52
N VAL F 190 -29.20 38.05 18.61
CA VAL F 190 -28.85 37.51 19.92
C VAL F 190 -30.11 37.37 20.77
N TYR F 200 -21.86 43.36 24.24
CA TYR F 200 -21.77 43.25 22.79
C TYR F 200 -21.09 44.48 22.19
N ILE F 201 -19.83 44.32 21.78
CA ILE F 201 -19.04 45.40 21.18
C ILE F 201 -18.36 44.85 19.94
N CYS F 202 -18.56 45.52 18.81
CA CYS F 202 -17.97 45.11 17.53
C CYS F 202 -16.58 45.68 17.37
N ASN F 203 -15.76 44.98 16.60
CA ASN F 203 -14.39 45.39 16.31
C ASN F 203 -14.31 45.79 14.83
N VAL F 204 -14.30 47.09 14.58
CA VAL F 204 -14.21 47.63 13.23
C VAL F 204 -12.78 48.07 12.98
N ASN F 205 -12.16 47.51 11.95
CA ASN F 205 -10.75 47.75 11.64
C ASN F 205 -10.64 48.26 10.21
N HIS F 206 -9.95 49.40 10.04
CA HIS F 206 -9.71 50.00 8.73
C HIS F 206 -8.20 50.19 8.58
N LYS F 207 -7.56 49.27 7.86
CA LYS F 207 -6.10 49.26 7.71
C LYS F 207 -5.57 50.45 6.92
N PRO F 208 -6.18 50.85 5.79
CA PRO F 208 -5.61 51.98 5.02
C PRO F 208 -5.43 53.26 5.84
N SER F 209 -6.29 53.51 6.82
CA SER F 209 -6.15 54.66 7.69
C SER F 209 -5.53 54.31 9.04
N ASN F 210 -5.17 53.04 9.26
CA ASN F 210 -4.60 52.57 10.52
C ASN F 210 -5.52 52.90 11.70
N THR F 211 -6.82 52.73 11.50
CA THR F 211 -7.81 53.06 12.53
C THR F 211 -8.39 51.80 13.15
#